data_7Y81
#
_entry.id   7Y81
#
_cell.length_a   1.00
_cell.length_b   1.00
_cell.length_c   1.00
_cell.angle_alpha   90.00
_cell.angle_beta   90.00
_cell.angle_gamma   90.00
#
_symmetry.space_group_name_H-M   'P 1'
#
loop_
_entity.id
_entity.type
_entity.pdbx_description
1 polymer 'RAMP superfamily protein'
2 polymer crRNA
3 polymer 'Non-self RNA target'
4 non-polymer 'ZINC ION'
5 non-polymer 'MAGNESIUM ION'
#
loop_
_entity_poly.entity_id
_entity_poly.type
_entity_poly.pdbx_seq_one_letter_code
_entity_poly.pdbx_strand_id
1 'polypeptide(L)'
;MHHHHHHKSNDMNITVELTFFEPYRLVEWFDWDARKKSHSAMRGQAFAQWTWKGKGRTAGKSFITGTLVRSAVIKAVEEL
LSLNNGKWEGVPCCNGSFQTDESKGKKPSFLRKRHTLQWQANNKNICDKEEACPFCILLGRFDNAGKVHERNKDYDIHFS
NFDLDHKQEKNDLRLVDIASGRILNRVDFDTGKAKDYFRTWEADYETYGTYTGRITLRNEHAKKLLLASLGFVDKLCGAL
CRIEVIKKSESPLPSDTKEQSYTKDDTVEVLSEDHNDELRKQAEVIVEAFKQNDKLEKIRILADAIRTLRLHGEGVIEKD
ELPDGKEERDKGHHLWDIKVQGTALRTKLKELWQSNKDIGWRKFTEMLGSNLYLIYKKETGGVSTRFRILGDTEYYSKAH
DSEGSDLFIPVTPPEGIETKEWIIVGRLKAATPFYFGVQQPSDSIPGKEKKSEDSLVINEHTSFNILLDKENRYRIPRSA
LRGALRRDLRTAFGSGCNVSLGGQILCNCKVCIEMRRITLKDSVSDFSEPPEIRYRIAKNPGTATVEDGSLFDIEVGPEG
LTFPFVLRYRGHKFPEQLSSVIRYWEENDGKNGMAWLGGLDSTGKGRFALKDIKIFEWDLNQKINEYIKERGMRGKEKEL
LEMGESSLPDGLIPYKFFEERECLFPYKENLKPQWSEVQYTIEVGSPLLTADTISALTEPGNRDAIAYKKRVYNDGNNAI
EPEPRFAVKSETHRGIFRTAVGRRTGDLGKEDHEDCTCDMCIIFGNEHESSKIRFEDLELINGNEFEKLEKHIDHVAIDR
FTGGALDKAKFDTYPLAGSPKKPLKLKGRFWIKKGFSGDHKLLITTALSDIRDGLYPLGSKGGVGYGWVAGISIDDNVPD
DFKEMINKTEMPLPEEVEESNNGPINNDYVHPGHQSPKQDHKNKNIYYPHYFLDSGSKVYREKDIITHEEFTEELLSGKI
NCKLETLTPLIIPDTSDENGLKLQGNKPGHKNYKFFNINGELMIPGSELRGMLRTHFEALTKSCFAIFGEDSTLSWRMNA
DEKDYKIDSNSIRKMESQRNPKYRIPDELQKELRNSGNGLFNRLYTSERRFWSDVSNKFENSIDYKREILRCAGRPKNYK
GGIIRQRKDSLMAEELKVHRLPLYDNFDIPDSAYKANDHCRKSATCSTSRGCRERFTCGIKVRDKNRVFLNAANNNRQYL
NNIKKSNHDLYLQYLKGEKKIRFNSKVITGSERSPIDVIAELNERGRQTGFIKLSGLNNSNKSQGNTGTTFNSGWDRFEL
NILLDDLETRPSKSDYPRPRLLFTKDQYEYNITKRCERVFEIDKGNKTGYPVDDQIKKNYEDILDSYDGIKDQEVAERFD
TFTRGSKLKVGDLVYFHIDGDNKIDSLIPVRISRKCASKTLGGKLDKALHPCTGLSDGLCPGCHLFGTTDYKGRVKFGFA
KYENGPEWLITRGNNPERSLTLGVLESPRPAFSIPDDESEIPGRKFYLHHNGWRIIRQKQLEIRETVQPERNVTTEVMDK
GNVFSFDVRFENLREWELGLLLQSLDPGKNIAHKLGKGKPYGFGSVKIKIDSLHTFKINSNNDKIKRVPQSDIREYINKG
YQKLIEWSGNNSIQKGNVLPQWHVIPHIDKLYKLLWVPFLNDSKLEPDVRYPVLNEESKGYIEGSDYTYKKLGDKDNLPY
KTRVKGLTTPWSPWNPFQVIAEHEEQEVNVTGSRPSVTDKIERDGKMV
;
A
2 'polyribonucleotide'
;GUUAUGAAACAAGAGAAGGACUUAAUGUCACGGUACCCAAUUUUCUGCCCCGGACUCCACGGCUGUUACUAGAGGUUAUG
AAACAAGAGAAGGACUUAAUGUCACGGUAC
;
B
3 'polyribonucleotide' CUCUAGUAACAGCCGUGGAGUCCGGGGCAGAAAAUUGGCAUGGCACUGUAAUUCAG C
#
loop_
_chem_comp.id
_chem_comp.type
_chem_comp.name
_chem_comp.formula
A RNA linking ADENOSINE-5'-MONOPHOSPHATE 'C10 H14 N5 O7 P'
C RNA linking CYTIDINE-5'-MONOPHOSPHATE 'C9 H14 N3 O8 P'
G RNA linking GUANOSINE-5'-MONOPHOSPHATE 'C10 H14 N5 O8 P'
MG non-polymer 'MAGNESIUM ION' 'Mg 2'
U RNA linking URIDINE-5'-MONOPHOSPHATE 'C9 H13 N2 O9 P'
ZN non-polymer 'ZINC ION' 'Zn 2'
#
# COMPACT_ATOMS: atom_id res chain seq x y z
N MET A 12 -54.25 11.80 -27.15
CA MET A 12 -55.12 11.71 -25.98
C MET A 12 -54.37 11.08 -24.80
N ASN A 13 -54.69 9.82 -24.51
CA ASN A 13 -54.03 9.09 -23.44
C ASN A 13 -52.70 8.56 -23.96
N ILE A 14 -51.64 9.31 -23.72
CA ILE A 14 -50.31 8.99 -24.23
C ILE A 14 -49.55 8.30 -23.10
N THR A 15 -49.61 6.98 -23.07
CA THR A 15 -48.85 6.18 -22.11
C THR A 15 -47.40 6.15 -22.58
N VAL A 16 -46.51 6.78 -21.83
CA VAL A 16 -45.11 6.88 -22.23
C VAL A 16 -44.26 6.12 -21.21
N GLU A 17 -43.04 5.80 -21.64
CA GLU A 17 -42.12 4.97 -20.88
C GLU A 17 -40.84 5.76 -20.63
N LEU A 18 -40.31 5.65 -19.41
CA LEU A 18 -39.14 6.41 -18.99
C LEU A 18 -38.07 5.42 -18.55
N THR A 19 -37.01 5.28 -19.34
CA THR A 19 -35.91 4.39 -19.01
C THR A 19 -34.66 5.20 -18.72
N PHE A 20 -33.96 4.84 -17.65
CA PHE A 20 -32.72 5.49 -17.26
C PHE A 20 -31.52 4.72 -17.78
N PHE A 21 -30.41 5.45 -17.98
CA PHE A 21 -29.19 4.86 -18.52
C PHE A 21 -28.00 5.09 -17.62
N GLU A 22 -28.23 5.53 -16.39
CA GLU A 22 -27.24 5.60 -15.33
C GLU A 22 -27.98 5.56 -14.01
N PRO A 23 -27.29 5.27 -12.87
CA PRO A 23 -27.98 5.24 -11.57
C PRO A 23 -28.67 6.54 -11.20
N TYR A 24 -29.99 6.47 -11.13
CA TYR A 24 -30.82 7.62 -10.81
C TYR A 24 -31.01 7.74 -9.31
N ARG A 25 -31.28 8.95 -8.86
CA ARG A 25 -31.35 9.23 -7.44
C ARG A 25 -32.76 8.97 -6.93
N LEU A 26 -32.85 8.40 -5.74
CA LEU A 26 -34.11 8.05 -5.13
C LEU A 26 -34.16 8.68 -3.74
N VAL A 27 -35.37 8.99 -3.30
CA VAL A 27 -35.57 9.58 -1.97
C VAL A 27 -36.88 9.04 -1.41
N GLU A 28 -36.97 9.02 -0.08
CA GLU A 28 -38.21 8.63 0.58
C GLU A 28 -39.27 9.69 0.34
N TRP A 29 -40.45 9.25 -0.08
CA TRP A 29 -41.52 10.20 -0.39
C TRP A 29 -42.10 10.75 0.90
N PHE A 30 -42.28 12.07 0.92
CA PHE A 30 -43.04 12.74 1.96
C PHE A 30 -44.04 13.68 1.31
N ASP A 31 -45.20 13.82 1.94
CA ASP A 31 -46.17 14.80 1.48
C ASP A 31 -45.62 16.20 1.71
N TRP A 32 -46.15 17.15 0.92
CA TRP A 32 -45.57 18.50 0.84
C TRP A 32 -45.64 19.25 2.16
N ASP A 33 -46.64 18.96 2.99
CA ASP A 33 -46.66 19.52 4.34
C ASP A 33 -45.57 18.89 5.21
N ALA A 34 -45.35 17.58 5.07
CA ALA A 34 -44.37 16.87 5.88
C ALA A 34 -43.01 16.78 5.20
N ARG A 35 -42.86 17.31 3.99
CA ARG A 35 -41.58 17.25 3.31
C ARG A 35 -40.58 18.23 3.88
N LYS A 36 -41.05 19.35 4.43
CA LYS A 36 -40.13 20.36 4.97
C LYS A 36 -39.48 19.92 6.27
N LYS A 37 -40.03 18.90 6.94
CA LYS A 37 -39.44 18.42 8.18
C LYS A 37 -38.15 17.64 7.93
N SER A 38 -38.06 16.95 6.80
CA SER A 38 -36.89 16.15 6.46
C SER A 38 -36.06 16.89 5.42
N HIS A 39 -34.76 17.07 5.71
CA HIS A 39 -33.89 17.77 4.79
C HIS A 39 -33.51 16.90 3.58
N SER A 40 -33.59 15.57 3.71
CA SER A 40 -33.26 14.70 2.60
C SER A 40 -34.32 14.77 1.50
N ALA A 41 -35.60 14.82 1.88
CA ALA A 41 -36.66 14.88 0.89
C ALA A 41 -36.83 16.26 0.28
N MET A 42 -36.52 17.31 1.03
CA MET A 42 -36.52 18.66 0.47
C MET A 42 -35.42 18.81 -0.58
N ARG A 43 -34.25 18.23 -0.30
CA ARG A 43 -33.17 18.18 -1.29
C ARG A 43 -33.55 17.30 -2.47
N GLY A 44 -34.29 16.23 -2.22
CA GLY A 44 -34.66 15.31 -3.27
C GLY A 44 -36.02 15.53 -3.88
N GLN A 45 -36.42 16.78 -4.06
CA GLN A 45 -37.72 17.06 -4.68
C GLN A 45 -37.70 16.74 -6.17
N ALA A 46 -36.54 16.77 -6.80
CA ALA A 46 -36.38 16.46 -8.21
C ALA A 46 -35.92 15.03 -8.45
N PHE A 47 -36.20 14.12 -7.52
CA PHE A 47 -35.77 12.73 -7.64
C PHE A 47 -36.97 11.82 -7.82
N ALA A 48 -36.68 10.55 -8.08
CA ALA A 48 -37.69 9.53 -7.95
C ALA A 48 -38.05 9.36 -6.47
N GLN A 49 -39.33 9.10 -6.22
CA GLN A 49 -39.85 9.05 -4.86
C GLN A 49 -40.11 7.60 -4.46
N TRP A 50 -39.99 7.34 -3.16
CA TRP A 50 -40.14 5.99 -2.61
C TRP A 50 -41.09 6.07 -1.43
N THR A 51 -42.29 5.49 -1.58
CA THR A 51 -43.18 5.28 -0.45
C THR A 51 -42.97 3.89 0.11
N TRP A 52 -43.46 3.70 1.33
CA TRP A 52 -43.38 2.41 2.01
C TRP A 52 -44.73 1.70 1.90
N LYS A 53 -44.70 0.44 1.49
CA LYS A 53 -45.89 -0.37 1.37
C LYS A 53 -45.94 -1.38 2.51
N GLY A 54 -47.09 -1.42 3.19
CA GLY A 54 -47.24 -2.32 4.32
C GLY A 54 -46.78 -1.71 5.63
N LYS A 55 -45.97 -2.45 6.38
CA LYS A 55 -45.50 -2.02 7.68
C LYS A 55 -44.04 -2.41 7.85
N GLY A 56 -43.37 -1.77 8.81
CA GLY A 56 -42.01 -2.11 9.16
C GLY A 56 -40.94 -1.40 8.37
N ARG A 57 -41.32 -0.61 7.36
CA ARG A 57 -40.41 0.15 6.49
C ARG A 57 -39.35 -0.75 5.83
N THR A 58 -39.81 -1.87 5.29
CA THR A 58 -38.94 -2.81 4.59
C THR A 58 -39.29 -3.00 3.12
N ALA A 59 -40.54 -2.77 2.73
CA ALA A 59 -40.96 -2.93 1.35
C ALA A 59 -41.75 -1.71 0.92
N GLY A 60 -41.67 -1.41 -0.37
CA GLY A 60 -42.38 -0.27 -0.91
C GLY A 60 -42.27 -0.30 -2.42
N LYS A 61 -42.57 0.85 -3.03
CA LYS A 61 -42.49 0.96 -4.47
C LYS A 61 -42.01 2.34 -4.87
N SER A 62 -41.13 2.38 -5.86
CA SER A 62 -40.56 3.60 -6.36
C SER A 62 -41.40 4.20 -7.46
N PHE A 63 -41.43 5.53 -7.52
CA PHE A 63 -42.15 6.22 -8.59
C PHE A 63 -41.54 7.61 -8.79
N ILE A 64 -41.83 8.17 -9.95
CA ILE A 64 -41.51 9.56 -10.27
C ILE A 64 -42.83 10.31 -10.36
N THR A 65 -42.91 11.44 -9.67
CA THR A 65 -44.12 12.25 -9.71
C THR A 65 -44.33 12.83 -11.09
N GLY A 66 -45.60 12.95 -11.49
CA GLY A 66 -45.92 13.57 -12.75
C GLY A 66 -45.60 15.04 -12.81
N THR A 67 -45.55 15.71 -11.65
CA THR A 67 -45.09 17.09 -11.60
C THR A 67 -43.63 17.20 -11.99
N LEU A 68 -42.82 16.19 -11.63
CA LEU A 68 -41.43 16.19 -12.02
C LEU A 68 -41.26 15.91 -13.51
N VAL A 69 -42.08 15.01 -14.05
CA VAL A 69 -42.07 14.76 -15.49
C VAL A 69 -42.61 15.98 -16.24
N ARG A 70 -43.61 16.66 -15.67
CA ARG A 70 -44.09 17.90 -16.26
C ARG A 70 -43.02 18.98 -16.23
N SER A 71 -42.29 19.08 -15.11
CA SER A 71 -41.23 20.07 -14.97
C SER A 71 -40.09 19.81 -15.96
N ALA A 72 -39.76 18.54 -16.20
CA ALA A 72 -38.76 18.22 -17.21
C ALA A 72 -39.29 18.49 -18.61
N VAL A 73 -40.57 18.23 -18.85
CA VAL A 73 -41.17 18.46 -20.17
C VAL A 73 -41.28 19.95 -20.45
N ILE A 74 -41.76 20.72 -19.46
CA ILE A 74 -41.97 22.16 -19.63
C ILE A 74 -40.62 22.88 -19.80
N LYS A 75 -39.58 22.38 -19.11
CA LYS A 75 -38.22 22.84 -19.39
C LYS A 75 -37.79 22.46 -20.80
N ALA A 76 -38.18 21.27 -21.27
CA ALA A 76 -37.80 20.85 -22.62
C ALA A 76 -38.59 21.60 -23.69
N VAL A 77 -39.81 22.04 -23.38
CA VAL A 77 -40.57 22.85 -24.33
C VAL A 77 -39.91 24.22 -24.50
N GLU A 78 -39.44 24.81 -23.40
CA GLU A 78 -38.81 26.13 -23.43
C GLU A 78 -37.53 26.12 -24.26
N GLU A 79 -36.74 25.06 -24.14
CA GLU A 79 -35.53 24.95 -24.96
C GLU A 79 -35.87 24.64 -26.40
N LEU A 80 -36.93 23.85 -26.64
CA LEU A 80 -37.34 23.54 -28.00
C LEU A 80 -37.89 24.78 -28.71
N LEU A 81 -38.65 25.62 -28.00
CA LEU A 81 -39.18 26.83 -28.61
C LEU A 81 -38.14 27.92 -28.73
N SER A 82 -37.10 27.92 -27.88
CA SER A 82 -36.05 28.90 -28.02
C SER A 82 -35.15 28.62 -29.22
N LEU A 83 -35.07 27.36 -29.64
CA LEU A 83 -34.28 27.02 -30.82
C LEU A 83 -34.94 27.53 -32.10
N ASN A 84 -36.27 27.41 -32.19
CA ASN A 84 -37.00 27.82 -33.38
C ASN A 84 -37.68 29.17 -33.21
N ASN A 85 -37.21 29.98 -32.26
CA ASN A 85 -37.68 31.35 -32.01
C ASN A 85 -39.17 31.38 -31.68
N GLY A 86 -39.58 30.57 -30.71
CA GLY A 86 -40.96 30.55 -30.26
C GLY A 86 -41.92 29.83 -31.17
N LYS A 87 -41.42 29.11 -32.17
CA LYS A 87 -42.26 28.36 -33.09
C LYS A 87 -42.00 26.88 -32.89
N TRP A 88 -42.96 26.05 -33.30
CA TRP A 88 -42.70 24.62 -33.43
C TRP A 88 -43.62 24.09 -34.52
N GLU A 89 -43.01 23.66 -35.63
CA GLU A 89 -43.71 23.15 -36.82
C GLU A 89 -44.71 24.17 -37.39
N GLY A 90 -44.33 25.45 -37.36
CA GLY A 90 -45.11 26.47 -38.02
C GLY A 90 -45.95 27.33 -37.10
N VAL A 91 -46.59 26.71 -36.11
CA VAL A 91 -47.48 27.45 -35.22
C VAL A 91 -46.65 28.18 -34.17
N PRO A 92 -46.78 29.49 -34.05
CA PRO A 92 -46.01 30.22 -33.04
C PRO A 92 -46.55 30.02 -31.64
N CYS A 93 -45.69 30.29 -30.67
CA CYS A 93 -46.03 30.20 -29.27
C CYS A 93 -45.60 31.48 -28.56
N CYS A 94 -46.36 31.85 -27.53
CA CYS A 94 -46.02 33.01 -26.72
C CYS A 94 -44.97 32.61 -25.68
N ASN A 95 -44.65 33.52 -24.78
CA ASN A 95 -43.63 33.26 -23.76
C ASN A 95 -44.13 32.43 -22.60
N GLY A 96 -45.42 32.07 -22.59
CA GLY A 96 -45.99 31.34 -21.47
C GLY A 96 -46.16 32.27 -20.28
N SER A 97 -46.32 31.64 -19.12
CA SER A 97 -46.36 32.38 -17.86
C SER A 97 -45.74 31.52 -16.78
N PHE A 98 -44.92 32.15 -15.94
CA PHE A 98 -44.23 31.46 -14.86
C PHE A 98 -44.24 32.31 -13.60
N GLN A 99 -45.38 32.96 -13.33
CA GLN A 99 -45.55 33.82 -12.16
C GLN A 99 -46.97 33.68 -11.66
N THR A 100 -47.13 33.19 -10.43
CA THR A 100 -48.44 33.18 -9.78
C THR A 100 -48.41 34.16 -8.62
N ASP A 101 -49.41 35.04 -8.57
CA ASP A 101 -49.50 36.00 -7.49
C ASP A 101 -49.92 35.31 -6.19
N GLU A 102 -49.30 35.72 -5.08
CA GLU A 102 -49.69 35.20 -3.78
C GLU A 102 -51.06 35.72 -3.36
N SER A 103 -51.39 36.95 -3.74
CA SER A 103 -52.69 37.52 -3.40
C SER A 103 -53.81 36.86 -4.20
N LYS A 104 -53.54 36.45 -5.44
CA LYS A 104 -54.56 35.80 -6.25
C LYS A 104 -54.85 34.39 -5.73
N GLY A 105 -53.81 33.64 -5.39
CA GLY A 105 -54.01 32.28 -4.96
C GLY A 105 -52.74 31.70 -4.38
N LYS A 106 -52.80 30.40 -4.09
CA LYS A 106 -51.69 29.69 -3.48
C LYS A 106 -50.58 29.49 -4.50
N LYS A 107 -49.33 29.65 -4.05
CA LYS A 107 -48.18 29.43 -4.91
C LYS A 107 -48.05 27.95 -5.27
N PRO A 108 -47.45 27.62 -6.41
CA PRO A 108 -47.20 26.21 -6.74
C PRO A 108 -46.19 25.60 -5.79
N SER A 109 -46.26 24.26 -5.68
CA SER A 109 -45.45 23.52 -4.72
C SER A 109 -43.96 23.59 -5.04
N PHE A 110 -43.60 23.87 -6.28
CA PHE A 110 -42.21 24.04 -6.68
C PHE A 110 -42.07 25.40 -7.35
N LEU A 111 -41.17 26.21 -6.82
CA LEU A 111 -40.92 27.55 -7.34
C LEU A 111 -39.63 27.54 -8.16
N ARG A 112 -39.70 28.09 -9.36
CA ARG A 112 -38.55 28.06 -10.26
C ARG A 112 -37.49 29.06 -9.82
N LYS A 113 -36.25 28.59 -9.78
CA LYS A 113 -35.11 29.46 -9.51
C LYS A 113 -34.24 29.72 -10.72
N ARG A 114 -34.39 28.94 -11.79
CA ARG A 114 -33.53 29.07 -12.95
C ARG A 114 -34.01 30.18 -13.87
N HIS A 115 -33.16 30.52 -14.83
CA HIS A 115 -33.51 31.49 -15.86
C HIS A 115 -34.48 30.85 -16.84
N THR A 116 -35.55 31.55 -17.15
CA THR A 116 -36.56 31.04 -18.07
C THR A 116 -36.21 31.48 -19.48
N LEU A 117 -36.06 30.53 -20.39
CA LEU A 117 -35.79 30.83 -21.79
C LEU A 117 -37.02 31.46 -22.42
N GLN A 118 -36.85 32.66 -22.97
CA GLN A 118 -37.94 33.40 -23.59
C GLN A 118 -37.56 33.78 -25.01
N TRP A 119 -38.54 34.27 -25.75
CA TRP A 119 -38.38 34.59 -27.16
C TRP A 119 -39.22 35.84 -27.46
N GLN A 120 -39.32 36.18 -28.74
CA GLN A 120 -40.19 37.26 -29.18
C GLN A 120 -41.56 36.66 -29.51
N ALA A 121 -42.60 37.21 -28.89
CA ALA A 121 -43.95 36.65 -29.01
C ALA A 121 -44.51 36.93 -30.40
N ASN A 122 -44.52 35.92 -31.25
CA ASN A 122 -45.03 36.02 -32.61
C ASN A 122 -46.46 35.52 -32.74
N ASN A 123 -47.11 35.20 -31.63
CA ASN A 123 -48.52 34.80 -31.68
C ASN A 123 -49.39 35.99 -32.02
N LYS A 124 -50.47 35.71 -32.77
CA LYS A 124 -51.32 36.79 -33.27
C LYS A 124 -52.17 37.39 -32.17
N ASN A 125 -52.97 36.56 -31.50
CA ASN A 125 -53.83 37.02 -30.42
C ASN A 125 -53.28 36.56 -29.08
N ILE A 126 -53.85 37.11 -28.01
CA ILE A 126 -53.44 36.72 -26.67
C ILE A 126 -53.99 35.33 -26.35
N CYS A 127 -53.38 34.69 -25.35
CA CYS A 127 -53.75 33.34 -24.96
C CYS A 127 -54.77 33.38 -23.84
N ASP A 128 -55.85 32.63 -23.99
CA ASP A 128 -56.95 32.62 -23.05
C ASP A 128 -57.53 31.21 -23.01
N LYS A 129 -58.71 31.07 -22.40
CA LYS A 129 -59.36 29.78 -22.32
C LYS A 129 -59.96 29.37 -23.66
N GLU A 130 -60.35 30.34 -24.49
CA GLU A 130 -60.97 30.01 -25.78
C GLU A 130 -59.95 29.49 -26.77
N GLU A 131 -58.79 30.13 -26.87
CA GLU A 131 -57.75 29.70 -27.79
C GLU A 131 -56.40 30.03 -27.17
N ALA A 132 -55.49 29.06 -27.19
CA ALA A 132 -54.18 29.21 -26.59
C ALA A 132 -53.12 28.59 -27.49
N CYS A 133 -51.90 29.10 -27.33
CA CYS A 133 -50.74 28.56 -28.04
C CYS A 133 -50.38 27.18 -27.47
N PRO A 134 -49.65 26.36 -28.23
CA PRO A 134 -49.21 25.06 -27.71
C PRO A 134 -48.31 25.15 -26.48
N PHE A 135 -47.60 26.25 -26.28
CA PHE A 135 -46.88 26.45 -25.03
C PHE A 135 -47.83 26.63 -23.86
N CYS A 136 -48.91 27.39 -24.06
CA CYS A 136 -49.87 27.62 -22.99
C CYS A 136 -50.71 26.39 -22.71
N ILE A 137 -50.93 25.55 -23.72
CA ILE A 137 -51.67 24.31 -23.53
C ILE A 137 -50.87 23.33 -22.67
N LEU A 138 -49.59 23.13 -23.00
CA LEU A 138 -48.76 22.19 -22.27
C LEU A 138 -48.45 22.68 -20.86
N LEU A 139 -48.43 23.99 -20.65
CA LEU A 139 -48.34 24.53 -19.31
C LEU A 139 -49.60 24.28 -18.50
N GLY A 140 -50.73 24.04 -19.14
CA GLY A 140 -52.00 23.94 -18.46
C GLY A 140 -52.46 25.25 -17.87
N ARG A 141 -52.30 26.35 -18.63
CA ARG A 141 -52.58 27.67 -18.09
C ARG A 141 -54.07 27.94 -17.97
N PHE A 142 -54.86 27.40 -18.90
CA PHE A 142 -56.27 27.78 -19.03
C PHE A 142 -57.17 26.56 -19.04
N ASP A 143 -56.97 25.67 -18.08
CA ASP A 143 -57.88 24.55 -17.87
C ASP A 143 -58.51 24.67 -16.49
N ASN A 144 -59.45 23.77 -16.20
CA ASN A 144 -60.15 23.81 -14.92
C ASN A 144 -59.29 23.31 -13.77
N ALA A 145 -58.20 22.61 -14.06
CA ALA A 145 -57.30 22.14 -13.02
C ALA A 145 -56.35 23.25 -12.58
N GLY A 146 -56.13 23.35 -11.27
CA GLY A 146 -55.28 24.37 -10.72
C GLY A 146 -54.34 23.86 -9.65
N LYS A 147 -54.02 24.72 -8.68
CA LYS A 147 -53.06 24.38 -7.63
C LYS A 147 -53.56 23.29 -6.69
N VAL A 148 -54.88 23.11 -6.58
CA VAL A 148 -55.48 22.07 -5.77
C VAL A 148 -56.07 21.03 -6.70
N HIS A 149 -55.56 19.81 -6.62
CA HIS A 149 -56.06 18.72 -7.45
C HIS A 149 -57.39 18.21 -6.91
N GLU A 150 -58.39 18.10 -7.77
CA GLU A 150 -59.69 17.57 -7.39
C GLU A 150 -60.11 16.38 -8.22
N ARG A 151 -59.83 16.39 -9.52
CA ARG A 151 -60.26 15.34 -10.43
C ARG A 151 -59.35 15.39 -11.65
N ASN A 152 -59.36 14.30 -12.41
CA ASN A 152 -58.33 14.13 -13.43
C ASN A 152 -58.71 14.68 -14.80
N LYS A 153 -59.99 14.80 -15.13
CA LYS A 153 -60.34 15.25 -16.47
C LYS A 153 -60.55 16.75 -16.55
N ASP A 154 -60.27 17.48 -15.47
CA ASP A 154 -60.15 18.93 -15.53
C ASP A 154 -58.86 19.38 -16.21
N TYR A 155 -57.89 18.48 -16.35
CA TYR A 155 -56.59 18.83 -16.91
C TYR A 155 -56.65 18.83 -18.43
N ASP A 156 -56.26 19.96 -19.05
CA ASP A 156 -56.05 19.96 -20.49
C ASP A 156 -54.89 19.06 -20.87
N ILE A 157 -53.81 19.13 -20.10
CA ILE A 157 -52.76 18.11 -20.11
C ILE A 157 -52.58 17.61 -18.69
N HIS A 158 -52.58 16.29 -18.53
CA HIS A 158 -52.34 15.65 -17.24
C HIS A 158 -51.07 14.83 -17.36
N PHE A 159 -50.26 14.85 -16.31
CA PHE A 159 -49.12 13.96 -16.17
C PHE A 159 -49.41 13.04 -14.99
N SER A 160 -49.58 11.76 -15.26
CA SER A 160 -49.77 10.83 -14.16
C SER A 160 -48.42 10.52 -13.51
N ASN A 161 -48.49 9.86 -12.37
CA ASN A 161 -47.28 9.38 -11.72
C ASN A 161 -46.65 8.27 -12.54
N PHE A 162 -45.33 8.20 -12.48
CA PHE A 162 -44.58 7.26 -13.29
C PHE A 162 -44.15 6.12 -12.38
N ASP A 163 -44.91 5.03 -12.40
CA ASP A 163 -44.62 3.89 -11.55
C ASP A 163 -43.48 3.06 -12.14
N LEU A 164 -42.76 2.39 -11.25
CA LEU A 164 -41.61 1.58 -11.66
C LEU A 164 -42.08 0.34 -12.40
N ASP A 165 -41.55 0.16 -13.62
CA ASP A 165 -41.93 -0.94 -14.49
C ASP A 165 -41.03 -2.13 -14.16
N HIS A 166 -41.43 -2.91 -13.16
CA HIS A 166 -40.66 -4.08 -12.75
C HIS A 166 -41.54 -5.34 -12.71
N ASP A 172 -43.76 -6.24 -1.31
CA ASP A 172 -43.35 -6.12 -2.71
C ASP A 172 -41.84 -5.93 -2.84
N LEU A 173 -41.42 -4.78 -3.34
CA LEU A 173 -40.01 -4.52 -3.61
C LEU A 173 -39.33 -3.90 -2.40
N ARG A 174 -38.16 -4.41 -2.06
CA ARG A 174 -37.37 -3.90 -0.97
C ARG A 174 -36.46 -2.78 -1.44
N LEU A 175 -36.20 -1.82 -0.54
CA LEU A 175 -35.39 -0.66 -0.89
C LEU A 175 -33.93 -1.04 -1.15
N VAL A 176 -33.41 -2.03 -0.43
CA VAL A 176 -32.04 -2.47 -0.63
C VAL A 176 -31.87 -3.14 -1.99
N ASP A 177 -32.94 -3.70 -2.55
CA ASP A 177 -32.85 -4.33 -3.85
C ASP A 177 -32.76 -3.32 -4.99
N ILE A 178 -33.40 -2.16 -4.84
CA ILE A 178 -33.43 -1.18 -5.92
C ILE A 178 -32.33 -0.14 -5.76
N ALA A 179 -32.17 0.42 -4.56
CA ALA A 179 -31.27 1.54 -4.35
C ALA A 179 -30.18 1.16 -3.36
N SER A 180 -29.15 1.99 -3.33
CA SER A 180 -28.08 1.89 -2.35
C SER A 180 -27.79 3.29 -1.84
N GLY A 181 -27.89 3.49 -0.54
CA GLY A 181 -27.62 4.78 0.05
C GLY A 181 -26.15 5.14 -0.01
N ARG A 182 -25.81 6.09 -0.86
CA ARG A 182 -24.44 6.52 -1.04
C ARG A 182 -24.26 7.94 -0.52
N ILE A 183 -23.23 8.14 0.28
CA ILE A 183 -22.86 9.48 0.74
C ILE A 183 -22.13 10.16 -0.40
N LEU A 184 -22.70 11.26 -0.90
CA LEU A 184 -22.01 12.08 -1.88
C LEU A 184 -21.32 13.20 -1.14
N ASN A 185 -20.69 14.11 -1.88
CA ASN A 185 -19.73 14.99 -1.24
C ASN A 185 -19.72 16.36 -1.89
N ARG A 186 -19.20 17.34 -1.15
CA ARG A 186 -18.92 18.68 -1.65
C ARG A 186 -17.50 19.03 -1.23
N VAL A 187 -16.57 18.91 -2.15
CA VAL A 187 -15.15 19.15 -1.87
C VAL A 187 -14.85 20.62 -2.12
N ASP A 188 -14.22 21.27 -1.14
CA ASP A 188 -13.75 22.64 -1.32
C ASP A 188 -12.60 22.67 -2.32
N PHE A 189 -12.60 23.70 -3.17
CA PHE A 189 -11.58 23.79 -4.21
C PHE A 189 -10.23 24.21 -3.64
N ASP A 190 -10.23 25.15 -2.69
CA ASP A 190 -8.97 25.69 -2.20
C ASP A 190 -8.26 24.71 -1.27
N THR A 191 -9.00 24.06 -0.38
CA THR A 191 -8.39 23.13 0.56
C THR A 191 -8.34 21.70 0.05
N GLY A 192 -9.15 21.35 -0.95
CA GLY A 192 -9.19 19.98 -1.42
C GLY A 192 -9.90 19.02 -0.49
N LYS A 193 -10.60 19.53 0.50
CA LYS A 193 -11.28 18.74 1.51
C LYS A 193 -12.78 18.97 1.40
N ALA A 194 -13.55 17.96 1.78
CA ALA A 194 -15.00 18.08 1.88
C ALA A 194 -15.40 19.13 2.90
N LYS A 195 -16.19 20.12 2.47
CA LYS A 195 -16.84 21.00 3.43
C LYS A 195 -17.94 20.26 4.17
N ASP A 196 -18.80 19.57 3.44
CA ASP A 196 -19.92 18.84 4.01
C ASP A 196 -20.22 17.66 3.11
N TYR A 197 -21.27 16.92 3.45
CA TYR A 197 -21.64 15.74 2.69
C TYR A 197 -23.13 15.52 2.80
N PHE A 198 -23.67 14.73 1.87
CA PHE A 198 -25.08 14.40 1.88
C PHE A 198 -25.26 13.04 1.24
N ARG A 199 -26.38 12.40 1.58
CA ARG A 199 -26.63 11.02 1.22
C ARG A 199 -27.80 10.95 0.26
N THR A 200 -27.61 10.21 -0.83
CA THR A 200 -28.68 9.90 -1.77
C THR A 200 -28.77 8.40 -1.99
N TRP A 201 -29.95 7.97 -2.41
CA TRP A 201 -30.19 6.59 -2.80
C TRP A 201 -30.05 6.51 -4.30
N GLU A 202 -28.90 6.04 -4.77
CA GLU A 202 -28.65 5.88 -6.19
C GLU A 202 -29.24 4.55 -6.63
N ALA A 203 -30.40 4.59 -7.25
CA ALA A 203 -31.12 3.38 -7.57
C ALA A 203 -30.55 2.71 -8.82
N ASP A 204 -30.70 1.40 -8.88
CA ASP A 204 -30.09 0.60 -9.94
C ASP A 204 -30.96 0.71 -11.18
N TYR A 205 -30.37 1.21 -12.27
CA TYR A 205 -31.09 1.42 -13.51
C TYR A 205 -31.15 0.17 -14.40
N GLU A 206 -30.30 -0.82 -14.15
CA GLU A 206 -30.26 -1.98 -15.03
C GLU A 206 -31.44 -2.92 -14.80
N THR A 207 -31.96 -2.97 -13.58
CA THR A 207 -33.14 -3.75 -13.27
C THR A 207 -34.38 -2.90 -13.05
N TYR A 208 -34.21 -1.71 -12.48
CA TYR A 208 -35.34 -0.85 -12.12
C TYR A 208 -35.18 0.54 -12.72
N GLY A 209 -34.79 0.61 -13.98
CA GLY A 209 -34.64 1.90 -14.62
C GLY A 209 -35.84 2.31 -15.45
N THR A 210 -36.73 1.36 -15.73
CA THR A 210 -37.87 1.61 -16.60
C THR A 210 -39.05 2.11 -15.76
N TYR A 211 -39.61 3.24 -16.16
CA TYR A 211 -40.75 3.85 -15.47
C TYR A 211 -41.86 4.12 -16.47
N THR A 212 -43.05 3.62 -16.18
CA THR A 212 -44.20 3.77 -17.07
C THR A 212 -45.17 4.78 -16.48
N GLY A 213 -45.54 5.78 -17.29
CA GLY A 213 -46.50 6.78 -16.86
C GLY A 213 -47.48 7.07 -17.98
N ARG A 214 -48.48 7.87 -17.63
CA ARG A 214 -49.52 8.26 -18.57
C ARG A 214 -49.56 9.77 -18.67
N ILE A 215 -49.63 10.27 -19.90
CA ILE A 215 -49.76 11.70 -20.16
C ILE A 215 -51.05 11.89 -20.96
N THR A 216 -52.04 12.47 -20.31
CA THR A 216 -53.29 12.81 -20.98
C THR A 216 -53.13 14.17 -21.67
N LEU A 217 -53.81 14.33 -22.80
CA LEU A 217 -53.74 15.57 -23.56
C LEU A 217 -55.06 15.74 -24.30
N ARG A 218 -55.90 16.65 -23.81
CA ARG A 218 -57.20 16.87 -24.44
C ARG A 218 -57.05 17.66 -25.74
N ASN A 219 -56.14 18.61 -25.78
CA ASN A 219 -56.00 19.52 -26.90
C ASN A 219 -55.03 18.94 -27.92
N GLU A 220 -55.49 18.75 -29.16
CA GLU A 220 -54.67 18.21 -30.22
C GLU A 220 -53.65 19.22 -30.73
N HIS A 221 -53.86 20.51 -30.45
CA HIS A 221 -53.02 21.57 -30.99
C HIS A 221 -51.59 21.54 -30.44
N ALA A 222 -51.37 20.95 -29.27
CA ALA A 222 -50.04 20.86 -28.68
C ALA A 222 -49.51 19.43 -28.70
N LYS A 223 -50.01 18.61 -29.63
CA LYS A 223 -49.60 17.21 -29.68
C LYS A 223 -48.19 17.06 -30.24
N LYS A 224 -47.84 17.83 -31.28
CA LYS A 224 -46.52 17.73 -31.87
C LYS A 224 -45.44 18.30 -30.95
N LEU A 225 -45.76 19.36 -30.20
CA LEU A 225 -44.79 19.94 -29.28
C LEU A 225 -44.60 19.06 -28.05
N LEU A 226 -45.62 18.31 -27.64
CA LEU A 226 -45.49 17.48 -26.44
C LEU A 226 -44.58 16.28 -26.69
N LEU A 227 -44.79 15.54 -27.78
CA LEU A 227 -44.03 14.33 -28.01
C LEU A 227 -42.58 14.62 -28.38
N ALA A 228 -42.35 15.77 -29.01
CA ALA A 228 -40.98 16.18 -29.30
C ALA A 228 -40.25 16.60 -28.03
N SER A 229 -40.96 17.21 -27.09
CA SER A 229 -40.36 17.55 -25.81
C SER A 229 -40.12 16.32 -24.96
N LEU A 230 -40.91 15.27 -25.17
CA LEU A 230 -40.62 13.98 -24.54
C LEU A 230 -39.30 13.42 -25.05
N GLY A 231 -39.02 13.60 -26.34
CA GLY A 231 -37.74 13.23 -26.89
C GLY A 231 -36.61 14.19 -26.60
N PHE A 232 -36.93 15.35 -26.01
CA PHE A 232 -35.91 16.33 -25.68
C PHE A 232 -35.54 16.35 -24.21
N VAL A 233 -36.28 15.65 -23.34
CA VAL A 233 -35.92 15.57 -21.93
C VAL A 233 -34.67 14.71 -21.83
N ASP A 234 -33.55 15.33 -21.43
CA ASP A 234 -32.29 14.62 -21.44
C ASP A 234 -32.00 13.93 -20.11
N LYS A 235 -32.31 14.59 -19.00
CA LYS A 235 -32.00 14.03 -17.69
C LYS A 235 -33.22 14.15 -16.79
N LEU A 236 -33.35 13.17 -15.90
CA LEU A 236 -34.39 13.17 -14.88
C LEU A 236 -33.88 12.39 -13.69
N CYS A 237 -34.14 12.92 -12.48
CA CYS A 237 -33.77 12.31 -11.20
C CYS A 237 -32.27 12.04 -11.09
N GLY A 238 -31.45 12.88 -11.72
CA GLY A 238 -30.02 12.71 -11.69
C GLY A 238 -29.45 11.74 -12.70
N ALA A 239 -30.22 11.35 -13.71
CA ALA A 239 -29.77 10.34 -14.66
C ALA A 239 -30.25 10.68 -16.06
N LEU A 240 -29.41 10.35 -17.03
CA LEU A 240 -29.79 10.45 -18.44
C LEU A 240 -30.94 9.49 -18.74
N CYS A 241 -31.85 9.94 -19.61
CA CYS A 241 -33.06 9.16 -19.84
C CYS A 241 -33.61 9.44 -21.23
N ARG A 242 -34.23 8.42 -21.81
CA ARG A 242 -35.08 8.57 -22.98
C ARG A 242 -36.53 8.34 -22.57
N ILE A 243 -37.42 9.20 -23.04
CA ILE A 243 -38.85 9.02 -22.86
C ILE A 243 -39.43 8.57 -24.20
N GLU A 244 -40.00 7.36 -24.22
CA GLU A 244 -40.56 6.77 -25.42
C GLU A 244 -42.07 6.61 -25.24
N VAL A 245 -42.82 6.99 -26.26
CA VAL A 245 -44.27 6.82 -26.24
C VAL A 245 -44.60 5.37 -26.55
N ILE A 246 -45.36 4.73 -25.66
CA ILE A 246 -45.76 3.35 -25.86
C ILE A 246 -47.10 3.29 -26.55
N ASP A 274 -30.18 -18.28 4.88
CA ASP A 274 -29.16 -17.23 4.89
C ASP A 274 -27.77 -17.82 5.04
N HIS A 275 -26.93 -17.61 4.04
CA HIS A 275 -25.57 -18.13 4.06
C HIS A 275 -24.62 -17.31 4.92
N ASN A 276 -24.97 -16.04 5.20
CA ASN A 276 -24.13 -15.23 6.09
C ASN A 276 -24.18 -15.75 7.52
N ASP A 277 -25.33 -16.29 7.94
CA ASP A 277 -25.45 -16.86 9.29
C ASP A 277 -24.59 -18.12 9.45
N GLU A 278 -24.63 -19.02 8.45
CA GLU A 278 -23.82 -20.23 8.56
C GLU A 278 -22.34 -19.93 8.34
N LEU A 279 -22.02 -18.89 7.55
CA LEU A 279 -20.64 -18.46 7.42
C LEU A 279 -20.12 -17.85 8.71
N ARG A 280 -20.98 -17.11 9.42
CA ARG A 280 -20.59 -16.55 10.71
C ARG A 280 -20.43 -17.63 11.77
N LYS A 281 -21.29 -18.67 11.72
CA LYS A 281 -21.15 -19.79 12.64
C LYS A 281 -19.86 -20.58 12.40
N GLN A 282 -19.54 -20.85 11.14
CA GLN A 282 -18.29 -21.56 10.84
C GLN A 282 -17.07 -20.68 11.10
N ALA A 283 -17.19 -19.37 10.90
CA ALA A 283 -16.11 -18.46 11.26
C ALA A 283 -15.91 -18.42 12.77
N GLU A 284 -17.01 -18.51 13.54
CA GLU A 284 -16.90 -18.59 15.00
C GLU A 284 -16.24 -19.89 15.42
N VAL A 285 -16.51 -20.97 14.70
CA VAL A 285 -15.82 -22.25 14.93
C VAL A 285 -14.32 -22.10 14.68
N ILE A 286 -13.95 -21.41 13.60
CA ILE A 286 -12.53 -21.20 13.27
C ILE A 286 -11.84 -20.31 14.30
N VAL A 287 -12.51 -19.25 14.76
CA VAL A 287 -11.95 -18.36 15.78
C VAL A 287 -11.79 -19.08 17.12
N GLU A 288 -12.77 -19.91 17.50
CA GLU A 288 -12.64 -20.70 18.72
C GLU A 288 -11.51 -21.72 18.60
N ALA A 289 -11.37 -22.35 17.43
CA ALA A 289 -10.30 -23.32 17.21
C ALA A 289 -8.93 -22.66 17.26
N PHE A 290 -8.81 -21.44 16.70
CA PHE A 290 -7.58 -20.68 16.83
C PHE A 290 -7.32 -20.26 18.26
N LYS A 291 -8.38 -20.01 19.02
CA LYS A 291 -8.23 -19.70 20.44
C LYS A 291 -7.77 -20.92 21.24
N GLN A 292 -8.04 -22.13 20.75
CA GLN A 292 -7.54 -23.32 21.44
C GLN A 292 -6.02 -23.45 21.36
N ASN A 293 -5.40 -23.09 20.24
CA ASN A 293 -3.94 -23.12 20.14
C ASN A 293 -3.30 -21.78 20.50
N ASP A 294 -4.03 -20.91 21.21
CA ASP A 294 -3.57 -19.58 21.65
C ASP A 294 -3.09 -18.75 20.47
N LYS A 295 -3.90 -18.72 19.42
CA LYS A 295 -3.57 -18.02 18.18
C LYS A 295 -4.73 -17.13 17.76
N LEU A 296 -5.28 -16.37 18.73
CA LEU A 296 -6.34 -15.41 18.43
C LEU A 296 -5.81 -14.23 17.62
N GLU A 297 -4.52 -13.90 17.77
CA GLU A 297 -3.92 -12.82 17.01
C GLU A 297 -3.77 -13.16 15.53
N LYS A 298 -3.75 -14.45 15.18
CA LYS A 298 -3.66 -14.88 13.79
C LYS A 298 -5.00 -14.87 13.08
N ILE A 299 -6.10 -14.66 13.81
CA ILE A 299 -7.42 -14.63 13.19
C ILE A 299 -7.58 -13.39 12.30
N ARG A 300 -7.00 -12.26 12.73
CA ARG A 300 -7.01 -11.06 11.90
C ARG A 300 -6.17 -11.24 10.64
N ILE A 301 -5.02 -11.91 10.77
CA ILE A 301 -4.19 -12.27 9.63
C ILE A 301 -4.97 -13.17 8.66
N LEU A 302 -5.70 -14.15 9.22
CA LEU A 302 -6.51 -15.05 8.40
C LEU A 302 -7.66 -14.31 7.72
N ALA A 303 -8.26 -13.35 8.42
CA ALA A 303 -9.36 -12.57 7.85
C ALA A 303 -8.88 -11.70 6.71
N ASP A 304 -7.67 -11.14 6.83
CA ASP A 304 -7.07 -10.44 5.70
C ASP A 304 -6.72 -11.39 4.56
N ALA A 305 -6.26 -12.59 4.89
CA ALA A 305 -5.83 -13.54 3.86
C ALA A 305 -7.00 -14.18 3.12
N ILE A 306 -8.15 -14.33 3.77
CA ILE A 306 -9.35 -14.82 3.08
C ILE A 306 -9.87 -13.74 2.13
N ARG A 307 -9.83 -12.48 2.57
CA ARG A 307 -10.32 -11.36 1.78
C ARG A 307 -9.46 -11.08 0.55
N THR A 308 -8.23 -11.58 0.49
CA THR A 308 -7.43 -11.46 -0.72
C THR A 308 -7.46 -12.72 -1.57
N LEU A 309 -8.23 -13.73 -1.18
CA LEU A 309 -8.39 -14.92 -1.99
C LEU A 309 -9.43 -14.75 -3.10
N ARG A 310 -10.18 -13.65 -3.08
CA ARG A 310 -11.13 -13.38 -4.16
C ARG A 310 -10.42 -13.02 -5.45
N LEU A 311 -9.20 -12.50 -5.35
CA LEU A 311 -8.40 -12.24 -6.54
C LEU A 311 -7.89 -13.53 -7.17
N HIS A 312 -7.67 -14.57 -6.37
CA HIS A 312 -7.04 -15.79 -6.84
C HIS A 312 -8.03 -16.76 -7.47
N GLY A 313 -9.32 -16.55 -7.30
CA GLY A 313 -10.32 -17.49 -7.80
C GLY A 313 -10.48 -18.67 -6.88
N GLU A 314 -11.42 -19.55 -7.23
CA GLU A 314 -11.73 -20.70 -6.40
C GLU A 314 -10.67 -21.81 -6.50
N GLY A 315 -9.76 -21.72 -7.47
CA GLY A 315 -8.77 -22.76 -7.66
C GLY A 315 -7.69 -22.80 -6.61
N VAL A 316 -7.47 -21.71 -5.87
CA VAL A 316 -6.46 -21.71 -4.81
C VAL A 316 -6.90 -22.61 -3.66
N ILE A 317 -8.21 -22.77 -3.46
CA ILE A 317 -8.72 -23.70 -2.46
C ILE A 317 -9.04 -25.04 -3.09
N GLU A 318 -9.61 -25.05 -4.30
CA GLU A 318 -10.02 -26.31 -4.94
C GLU A 318 -8.83 -27.16 -5.36
N LYS A 319 -7.77 -26.54 -5.89
CA LYS A 319 -6.60 -27.28 -6.37
C LYS A 319 -5.45 -27.27 -5.37
N ASP A 320 -5.68 -26.76 -4.15
CA ASP A 320 -4.70 -26.71 -3.06
C ASP A 320 -3.44 -25.92 -3.45
N GLU A 321 -3.64 -24.70 -3.93
CA GLU A 321 -2.54 -23.82 -4.29
C GLU A 321 -2.10 -22.94 -3.14
N LEU A 322 -2.64 -23.14 -1.95
CA LEU A 322 -2.10 -22.51 -0.76
C LEU A 322 -0.72 -23.12 -0.44
N PRO A 323 0.18 -22.34 0.15
CA PRO A 323 1.48 -22.90 0.56
C PRO A 323 1.34 -23.95 1.64
N ASP A 324 2.20 -24.96 1.58
CA ASP A 324 2.07 -26.17 2.39
C ASP A 324 3.13 -26.27 3.49
N GLY A 325 3.67 -25.14 3.93
CA GLY A 325 4.72 -25.18 4.93
C GLY A 325 6.04 -25.62 4.33
N LYS A 326 6.94 -26.06 5.21
CA LYS A 326 8.26 -26.50 4.78
C LYS A 326 8.19 -27.92 4.20
N GLU A 327 9.33 -28.41 3.74
CA GLU A 327 9.36 -29.70 3.05
C GLU A 327 9.13 -30.87 4.00
N GLU A 328 9.75 -30.83 5.17
CA GLU A 328 9.62 -31.89 6.16
C GLU A 328 9.17 -31.32 7.51
N ARG A 329 8.19 -30.42 7.47
CA ARG A 329 7.63 -29.83 8.67
C ARG A 329 6.38 -30.61 9.07
N ASP A 330 6.38 -31.16 10.29
CA ASP A 330 5.22 -31.90 10.76
C ASP A 330 4.08 -30.96 11.11
N LYS A 331 4.38 -29.71 11.47
CA LYS A 331 3.35 -28.72 11.74
C LYS A 331 2.78 -28.10 10.47
N GLY A 332 3.45 -28.26 9.34
CA GLY A 332 2.96 -27.72 8.08
C GLY A 332 3.06 -26.21 8.03
N HIS A 333 2.11 -25.60 7.32
CA HIS A 333 2.01 -24.15 7.28
C HIS A 333 1.58 -23.62 8.65
N HIS A 334 2.10 -22.44 8.99
CA HIS A 334 1.80 -21.85 10.28
C HIS A 334 0.38 -21.32 10.38
N LEU A 335 -0.29 -21.10 9.25
CA LEU A 335 -1.66 -20.61 9.24
C LEU A 335 -2.62 -21.60 8.60
N TRP A 336 -2.34 -22.07 7.38
CA TRP A 336 -3.30 -22.89 6.66
C TRP A 336 -3.35 -24.33 7.13
N ASP A 337 -2.43 -24.75 8.00
CA ASP A 337 -2.45 -26.09 8.56
C ASP A 337 -2.76 -26.10 10.05
N ILE A 338 -3.35 -25.02 10.56
CA ILE A 338 -3.81 -24.99 11.94
C ILE A 338 -5.03 -25.88 12.06
N LYS A 339 -5.00 -26.78 13.05
CA LYS A 339 -6.06 -27.76 13.24
C LYS A 339 -7.32 -27.08 13.73
N VAL A 340 -8.35 -27.05 12.89
CA VAL A 340 -9.67 -26.54 13.24
C VAL A 340 -10.60 -27.74 13.31
N GLN A 341 -11.08 -28.05 14.53
CA GLN A 341 -11.88 -29.25 14.84
C GLN A 341 -11.18 -30.53 14.39
N GLY A 342 -9.87 -30.59 14.62
CA GLY A 342 -9.11 -31.78 14.34
C GLY A 342 -8.57 -31.90 12.93
N THR A 343 -8.96 -31.01 12.02
CA THR A 343 -8.47 -31.01 10.66
C THR A 343 -7.90 -29.64 10.32
N ALA A 344 -7.01 -29.62 9.34
CA ALA A 344 -6.26 -28.42 8.98
C ALA A 344 -7.18 -27.36 8.37
N LEU A 345 -6.67 -26.12 8.37
CA LEU A 345 -7.48 -24.99 7.93
C LEU A 345 -7.74 -25.03 6.42
N ARG A 346 -6.82 -25.58 5.64
CA ARG A 346 -7.03 -25.70 4.20
C ARG A 346 -8.16 -26.66 3.88
N THR A 347 -8.24 -27.78 4.61
CA THR A 347 -9.33 -28.73 4.43
C THR A 347 -10.65 -28.14 4.92
N LYS A 348 -10.61 -27.37 6.00
CA LYS A 348 -11.80 -26.67 6.51
C LYS A 348 -12.30 -25.64 5.51
N LEU A 349 -11.39 -24.94 4.83
CA LEU A 349 -11.79 -23.98 3.80
C LEU A 349 -12.28 -24.67 2.55
N LYS A 350 -11.75 -25.86 2.24
CA LYS A 350 -12.32 -26.70 1.18
C LYS A 350 -13.76 -27.07 1.49
N GLU A 351 -14.01 -27.50 2.73
CA GLU A 351 -15.37 -27.89 3.14
C GLU A 351 -16.30 -26.69 3.19
N LEU A 352 -15.78 -25.52 3.59
CA LEU A 352 -16.56 -24.29 3.56
C LEU A 352 -16.92 -23.89 2.13
N TRP A 353 -15.99 -24.02 1.19
CA TRP A 353 -16.28 -23.64 -0.19
C TRP A 353 -17.20 -24.64 -0.86
N GLN A 354 -17.12 -25.92 -0.51
CA GLN A 354 -18.10 -26.87 -1.00
C GLN A 354 -19.48 -26.63 -0.37
N SER A 355 -19.52 -26.22 0.89
CA SER A 355 -20.79 -25.90 1.53
C SER A 355 -21.36 -24.57 1.07
N ASN A 356 -20.51 -23.65 0.57
CA ASN A 356 -20.94 -22.34 0.12
C ASN A 356 -20.56 -22.12 -1.35
N LYS A 357 -20.81 -23.13 -2.18
CA LYS A 357 -20.49 -23.00 -3.60
C LYS A 357 -21.58 -22.30 -4.39
N ASP A 358 -22.79 -22.17 -3.83
CA ASP A 358 -23.88 -21.55 -4.57
C ASP A 358 -23.72 -20.04 -4.66
N ILE A 359 -23.13 -19.42 -3.63
CA ILE A 359 -22.69 -18.05 -3.76
C ILE A 359 -21.39 -18.01 -4.54
N GLY A 360 -21.02 -16.82 -4.98
CA GLY A 360 -19.78 -16.67 -5.71
C GLY A 360 -18.56 -16.84 -4.83
N TRP A 361 -17.43 -17.07 -5.48
CA TRP A 361 -16.16 -17.15 -4.75
C TRP A 361 -15.80 -15.81 -4.15
N ARG A 362 -16.10 -14.72 -4.86
CA ARG A 362 -15.84 -13.38 -4.36
C ARG A 362 -16.68 -13.08 -3.14
N LYS A 363 -17.98 -13.42 -3.19
CA LYS A 363 -18.86 -13.18 -2.06
C LYS A 363 -18.51 -14.06 -0.87
N PHE A 364 -18.13 -15.31 -1.13
CA PHE A 364 -17.74 -16.23 -0.07
C PHE A 364 -16.47 -15.78 0.62
N THR A 365 -15.48 -15.31 -0.15
CA THR A 365 -14.25 -14.83 0.46
C THR A 365 -14.42 -13.46 1.11
N GLU A 366 -15.37 -12.66 0.63
CA GLU A 366 -15.63 -11.38 1.25
C GLU A 366 -16.33 -11.54 2.59
N MET A 367 -17.38 -12.37 2.64
CA MET A 367 -18.13 -12.47 3.89
C MET A 367 -17.40 -13.31 4.93
N LEU A 368 -16.76 -14.41 4.53
CA LEU A 368 -16.01 -15.22 5.50
C LEU A 368 -14.78 -14.47 6.00
N GLY A 369 -14.13 -13.70 5.13
CA GLY A 369 -13.11 -12.78 5.59
C GLY A 369 -13.66 -11.68 6.47
N SER A 370 -14.88 -11.22 6.19
CA SER A 370 -15.52 -10.26 7.08
C SER A 370 -15.95 -10.92 8.39
N ASN A 371 -16.55 -12.11 8.31
CA ASN A 371 -17.07 -12.76 9.52
C ASN A 371 -15.95 -13.20 10.44
N LEU A 372 -14.81 -13.62 9.89
CA LEU A 372 -13.62 -13.87 10.71
C LEU A 372 -13.12 -12.59 11.34
N TYR A 373 -13.30 -11.45 10.68
CA TYR A 373 -12.91 -10.17 11.26
C TYR A 373 -13.87 -9.74 12.36
N LEU A 374 -15.19 -9.93 12.15
CA LEU A 374 -16.17 -9.43 13.11
C LEU A 374 -16.11 -10.19 14.43
N ILE A 375 -15.94 -11.51 14.37
CA ILE A 375 -15.82 -12.31 15.59
C ILE A 375 -14.51 -11.99 16.31
N TYR A 376 -13.45 -11.65 15.54
CA TYR A 376 -12.21 -11.17 16.12
C TYR A 376 -12.40 -9.88 16.91
N LYS A 377 -13.38 -9.06 16.54
CA LYS A 377 -13.69 -7.87 17.33
C LYS A 377 -14.41 -8.22 18.63
N LYS A 378 -15.21 -9.29 18.66
CA LYS A 378 -15.88 -9.67 19.89
C LYS A 378 -14.92 -10.36 20.85
N GLU A 379 -13.97 -11.13 20.33
CA GLU A 379 -12.98 -11.76 21.20
C GLU A 379 -11.80 -10.85 21.54
N THR A 380 -11.82 -9.59 21.09
CA THR A 380 -10.81 -8.63 21.50
C THR A 380 -11.43 -7.46 22.24
N THR A 393 -20.93 16.49 9.59
CA THR A 393 -21.24 17.62 8.72
C THR A 393 -22.19 17.21 7.60
N GLU A 394 -23.32 16.63 7.97
CA GLU A 394 -24.35 16.25 7.01
C GLU A 394 -25.17 17.49 6.66
N TYR A 395 -25.16 17.88 5.38
CA TYR A 395 -25.79 19.14 5.00
C TYR A 395 -26.57 18.97 3.70
N TYR A 396 -27.81 19.45 3.70
CA TYR A 396 -28.65 19.50 2.52
C TYR A 396 -29.04 20.95 2.25
N SER A 397 -29.20 21.28 0.97
CA SER A 397 -29.79 22.54 0.48
C SER A 397 -29.08 23.80 0.99
N SER A 405 -37.07 34.80 -1.50
CA SER A 405 -37.33 35.85 -2.49
C SER A 405 -37.28 35.30 -3.91
N ASP A 406 -38.38 34.71 -4.35
CA ASP A 406 -38.44 34.14 -5.69
C ASP A 406 -38.55 35.24 -6.73
N LEU A 407 -37.93 35.01 -7.88
CA LEU A 407 -37.91 35.97 -8.98
C LEU A 407 -38.09 35.24 -10.29
N PHE A 408 -38.62 35.95 -11.27
CA PHE A 408 -38.74 35.47 -12.64
C PHE A 408 -37.63 36.10 -13.46
N ILE A 409 -36.84 35.27 -14.12
CA ILE A 409 -35.71 35.76 -14.91
C ILE A 409 -35.95 35.41 -16.38
N PRO A 410 -36.50 36.34 -17.17
CA PRO A 410 -36.64 36.08 -18.60
C PRO A 410 -35.30 36.23 -19.31
N VAL A 411 -34.87 35.17 -19.99
CA VAL A 411 -33.64 35.18 -20.76
C VAL A 411 -33.99 34.88 -22.20
N THR A 412 -33.63 35.81 -23.09
CA THR A 412 -33.82 35.62 -24.52
C THR A 412 -32.47 35.47 -25.18
N PRO A 413 -32.23 34.39 -25.93
CA PRO A 413 -30.98 34.28 -26.68
C PRO A 413 -30.94 35.30 -27.80
N PRO A 414 -29.74 35.71 -28.23
CA PRO A 414 -29.65 36.66 -29.35
C PRO A 414 -30.18 36.07 -30.65
N GLU A 415 -30.68 36.95 -31.51
CA GLU A 415 -31.31 36.52 -32.75
C GLU A 415 -30.28 35.96 -33.72
N GLY A 416 -30.62 34.85 -34.36
CA GLY A 416 -29.72 34.21 -35.29
C GLY A 416 -28.61 33.42 -34.67
N ILE A 417 -28.63 33.21 -33.35
CA ILE A 417 -27.59 32.43 -32.71
C ILE A 417 -27.78 30.95 -33.02
N GLU A 418 -26.67 30.20 -32.94
CA GLU A 418 -26.65 28.78 -33.26
C GLU A 418 -26.31 28.02 -31.99
N THR A 419 -27.27 27.26 -31.49
CA THR A 419 -27.07 26.43 -30.30
C THR A 419 -26.83 25.00 -30.75
N LYS A 420 -25.70 24.44 -30.34
CA LYS A 420 -25.31 23.10 -30.75
C LYS A 420 -25.16 22.20 -29.53
N GLU A 421 -25.29 20.90 -29.75
CA GLU A 421 -25.10 19.90 -28.71
C GLU A 421 -23.81 19.14 -29.01
N TRP A 422 -22.75 19.45 -28.27
CA TRP A 422 -21.46 18.79 -28.45
C TRP A 422 -21.39 17.57 -27.55
N ILE A 423 -21.34 16.39 -28.18
CA ILE A 423 -21.21 15.13 -27.45
C ILE A 423 -19.77 14.67 -27.58
N ILE A 424 -19.11 14.49 -26.45
CA ILE A 424 -17.74 14.01 -26.38
C ILE A 424 -17.79 12.59 -25.85
N VAL A 425 -17.42 11.63 -26.68
CA VAL A 425 -17.34 10.23 -26.28
C VAL A 425 -15.87 9.83 -26.28
N GLY A 426 -15.39 9.37 -25.13
CA GLY A 426 -14.02 8.95 -25.00
C GLY A 426 -13.88 7.81 -24.03
N ARG A 427 -12.64 7.46 -23.70
CA ARG A 427 -12.34 6.37 -22.78
C ARG A 427 -11.53 6.92 -21.63
N LEU A 428 -12.01 6.73 -20.40
CA LEU A 428 -11.29 7.16 -19.21
C LEU A 428 -10.37 6.03 -18.78
N LYS A 429 -9.14 6.04 -19.28
CA LYS A 429 -8.17 5.02 -18.93
C LYS A 429 -7.46 5.38 -17.63
N ALA A 430 -7.45 4.45 -16.69
CA ALA A 430 -6.79 4.66 -15.40
C ALA A 430 -5.28 4.53 -15.62
N ALA A 431 -4.59 5.68 -15.67
CA ALA A 431 -3.15 5.66 -15.80
C ALA A 431 -2.45 5.20 -14.54
N THR A 432 -3.09 5.36 -13.39
CA THR A 432 -2.63 4.92 -12.09
C THR A 432 -3.68 3.98 -11.52
N PRO A 433 -3.35 3.19 -10.49
CA PRO A 433 -4.42 2.54 -9.70
C PRO A 433 -5.33 3.59 -9.12
N PHE A 434 -6.63 3.32 -9.10
CA PHE A 434 -7.61 4.35 -8.76
C PHE A 434 -8.41 3.95 -7.54
N TYR A 435 -9.07 4.94 -6.95
CA TYR A 435 -9.93 4.73 -5.80
C TYR A 435 -11.09 5.71 -5.88
N PHE A 436 -12.30 5.19 -5.82
CA PHE A 436 -13.50 6.01 -5.70
C PHE A 436 -14.16 5.66 -4.37
N GLY A 437 -14.26 6.66 -3.50
CA GLY A 437 -14.66 6.40 -2.14
C GLY A 437 -16.12 6.07 -1.99
N VAL A 438 -16.39 5.18 -1.04
CA VAL A 438 -17.75 4.80 -0.68
C VAL A 438 -17.74 4.46 0.80
N GLN A 439 -18.90 4.59 1.43
CA GLN A 439 -19.06 4.23 2.82
C GLN A 439 -19.10 2.70 2.96
N GLN A 440 -19.07 2.25 4.21
CA GLN A 440 -19.12 0.82 4.49
C GLN A 440 -20.50 0.26 4.12
N PRO A 441 -20.56 -1.02 3.69
CA PRO A 441 -21.86 -1.61 3.31
C PRO A 441 -22.87 -1.68 4.45
N SER A 442 -22.41 -1.70 5.70
CA SER A 442 -23.35 -1.56 6.82
C SER A 442 -23.95 -0.16 6.86
N ASP A 443 -23.17 0.85 6.51
CA ASP A 443 -23.66 2.22 6.45
C ASP A 443 -24.19 2.60 5.07
N SER A 444 -24.11 1.71 4.09
CA SER A 444 -24.61 1.97 2.75
C SER A 444 -26.04 1.51 2.56
N ILE A 445 -26.68 0.98 3.60
CA ILE A 445 -28.04 0.45 3.48
C ILE A 445 -29.03 1.61 3.43
N PRO A 446 -29.84 1.72 2.39
CA PRO A 446 -30.87 2.76 2.36
C PRO A 446 -32.08 2.40 3.21
N GLY A 447 -32.69 3.43 3.78
CA GLY A 447 -33.83 3.26 4.66
C GLY A 447 -33.48 2.97 6.11
N LYS A 448 -32.21 2.79 6.42
CA LYS A 448 -31.77 2.57 7.79
C LYS A 448 -30.79 3.66 8.21
N GLU A 449 -31.12 4.91 7.88
CA GLU A 449 -30.29 6.05 8.22
C GLU A 449 -30.32 6.33 9.71
N VAL A 457 -16.94 -1.87 18.95
CA VAL A 457 -17.83 -2.26 17.88
C VAL A 457 -17.76 -1.25 16.75
N ILE A 458 -16.93 -1.53 15.75
CA ILE A 458 -16.71 -0.64 14.62
C ILE A 458 -17.09 -1.32 13.29
N ASN A 459 -16.67 -2.57 13.11
CA ASN A 459 -17.07 -3.47 12.02
C ASN A 459 -16.74 -2.91 10.63
N GLU A 460 -15.44 -2.76 10.38
CA GLU A 460 -14.93 -2.44 9.05
C GLU A 460 -13.74 -3.34 8.73
N HIS A 461 -13.99 -4.41 7.97
CA HIS A 461 -12.89 -5.27 7.54
C HIS A 461 -12.01 -4.55 6.54
N THR A 462 -12.61 -3.87 5.58
CA THR A 462 -11.91 -2.94 4.70
C THR A 462 -12.19 -1.54 5.20
N SER A 463 -11.13 -0.78 5.49
CA SER A 463 -11.29 0.57 5.99
C SER A 463 -11.87 1.49 4.92
N PHE A 464 -11.45 1.31 3.67
CA PHE A 464 -11.99 2.05 2.54
C PHE A 464 -12.32 1.08 1.41
N ASN A 465 -13.60 0.93 1.13
CA ASN A 465 -14.09 0.17 0.00
C ASN A 465 -14.16 1.06 -1.23
N ILE A 466 -13.93 0.47 -2.39
CA ILE A 466 -14.12 1.19 -3.64
C ILE A 466 -15.58 1.13 -4.03
N LEU A 467 -16.04 2.11 -4.79
CA LEU A 467 -17.42 2.11 -5.26
C LEU A 467 -17.57 1.12 -6.39
N LEU A 468 -18.56 0.23 -6.27
CA LEU A 468 -18.84 -0.79 -7.26
C LEU A 468 -20.32 -0.75 -7.61
N ASP A 469 -20.72 -1.63 -8.53
CA ASP A 469 -22.11 -1.80 -8.88
C ASP A 469 -22.75 -2.89 -8.02
N LYS A 470 -23.97 -3.28 -8.39
CA LYS A 470 -24.50 -4.56 -7.96
C LYS A 470 -23.85 -5.71 -8.70
N GLU A 471 -23.28 -5.45 -9.87
CA GLU A 471 -22.54 -6.44 -10.64
C GLU A 471 -21.04 -6.38 -10.37
N ASN A 472 -20.63 -5.65 -9.33
CA ASN A 472 -19.27 -5.52 -8.83
C ASN A 472 -18.30 -4.92 -9.86
N ARG A 473 -18.82 -4.22 -10.85
CA ARG A 473 -17.96 -3.51 -11.79
C ARG A 473 -17.53 -2.19 -11.16
N TYR A 474 -16.30 -1.78 -11.49
CA TYR A 474 -15.78 -0.53 -10.96
C TYR A 474 -16.54 0.65 -11.54
N ARG A 475 -16.77 1.64 -10.71
CA ARG A 475 -17.68 2.73 -11.05
C ARG A 475 -16.96 4.06 -10.90
N ILE A 476 -16.92 4.83 -11.99
CA ILE A 476 -16.73 6.27 -11.91
C ILE A 476 -18.12 6.89 -11.84
N PRO A 477 -18.50 7.50 -10.72
CA PRO A 477 -19.82 8.12 -10.63
C PRO A 477 -19.92 9.34 -11.53
N ARG A 478 -21.16 9.68 -11.87
CA ARG A 478 -21.40 10.96 -12.52
C ARG A 478 -20.99 12.11 -11.61
N SER A 479 -21.30 11.99 -10.33
CA SER A 479 -21.01 13.05 -9.37
C SER A 479 -19.51 13.29 -9.20
N ALA A 480 -18.72 12.22 -9.09
CA ALA A 480 -17.28 12.37 -8.95
C ALA A 480 -16.62 12.82 -10.26
N LEU A 481 -17.18 12.42 -11.40
CA LEU A 481 -16.69 12.92 -12.68
C LEU A 481 -17.05 14.39 -12.85
N ARG A 482 -18.24 14.79 -12.39
CA ARG A 482 -18.65 16.19 -12.48
C ARG A 482 -17.87 17.06 -11.52
N GLY A 483 -17.61 16.58 -10.31
CA GLY A 483 -16.85 17.34 -9.34
C GLY A 483 -15.40 17.54 -9.73
N ALA A 484 -14.80 16.55 -10.39
CA ALA A 484 -13.45 16.72 -10.92
C ALA A 484 -13.45 17.58 -12.18
N LEU A 485 -14.55 17.57 -12.93
CA LEU A 485 -14.66 18.45 -14.10
C LEU A 485 -14.90 19.89 -13.67
N ARG A 486 -15.73 20.09 -12.65
CA ARG A 486 -15.98 21.43 -12.11
C ARG A 486 -14.71 22.01 -11.48
N ARG A 487 -13.94 21.17 -10.79
CA ARG A 487 -12.66 21.60 -10.25
C ARG A 487 -11.68 21.98 -11.36
N ASP A 488 -11.63 21.18 -12.42
CA ASP A 488 -10.71 21.46 -13.51
C ASP A 488 -11.20 22.61 -14.39
N LEU A 489 -12.52 22.81 -14.49
CA LEU A 489 -13.02 23.99 -15.17
C LEU A 489 -12.79 25.25 -14.36
N ARG A 490 -12.82 25.15 -13.03
CA ARG A 490 -12.46 26.27 -12.18
C ARG A 490 -10.98 26.63 -12.35
N THR A 491 -10.13 25.61 -12.45
CA THR A 491 -8.72 25.84 -12.76
C THR A 491 -8.54 26.45 -14.14
N ALA A 492 -9.28 25.94 -15.13
CA ALA A 492 -9.16 26.42 -16.51
C ALA A 492 -9.64 27.85 -16.66
N PHE A 493 -10.74 28.21 -15.98
CA PHE A 493 -11.23 29.58 -16.05
C PHE A 493 -10.37 30.55 -15.26
N GLY A 494 -9.56 30.05 -14.33
CA GLY A 494 -8.75 30.89 -13.47
C GLY A 494 -9.49 31.49 -12.31
N SER A 495 -10.79 31.24 -12.21
CA SER A 495 -11.65 31.77 -11.17
C SER A 495 -12.87 30.88 -11.09
N GLY A 496 -13.60 31.01 -9.99
CA GLY A 496 -14.82 30.24 -9.83
C GLY A 496 -15.37 30.43 -8.43
N CYS A 497 -16.48 29.74 -8.19
CA CYS A 497 -17.18 29.82 -6.93
C CYS A 497 -17.09 28.49 -6.19
N ASN A 498 -17.20 28.55 -4.88
CA ASN A 498 -17.55 27.38 -4.10
C ASN A 498 -19.07 27.26 -4.17
N VAL A 499 -19.55 26.06 -4.48
CA VAL A 499 -20.93 25.88 -4.92
C VAL A 499 -21.86 26.06 -3.72
N SER A 500 -22.53 27.21 -3.67
CA SER A 500 -23.53 27.45 -2.65
C SER A 500 -24.74 26.57 -2.88
N LEU A 501 -25.36 26.13 -1.79
CA LEU A 501 -26.47 25.20 -1.85
C LEU A 501 -27.73 25.88 -1.34
N GLY A 502 -28.84 25.65 -2.05
CA GLY A 502 -30.10 26.26 -1.67
C GLY A 502 -30.21 27.73 -2.01
N GLY A 503 -29.38 28.23 -2.92
CA GLY A 503 -29.48 29.63 -3.31
C GLY A 503 -30.67 29.87 -4.23
N GLN A 504 -31.38 30.96 -3.97
CA GLN A 504 -32.53 31.31 -4.80
C GLN A 504 -32.08 31.86 -6.14
N ILE A 505 -30.89 32.45 -6.20
CA ILE A 505 -30.35 33.07 -7.40
C ILE A 505 -29.31 32.13 -7.98
N LEU A 506 -29.38 31.89 -9.28
CA LEU A 506 -28.38 31.06 -9.97
C LEU A 506 -27.01 31.72 -9.89
N CYS A 507 -25.98 30.89 -9.76
CA CYS A 507 -24.62 31.41 -9.69
C CYS A 507 -24.18 31.91 -11.06
N ASN A 508 -23.70 33.14 -11.12
CA ASN A 508 -23.27 33.76 -12.36
C ASN A 508 -21.78 33.58 -12.61
N CYS A 509 -21.12 32.70 -11.85
CA CYS A 509 -19.72 32.43 -12.09
C CYS A 509 -19.55 31.67 -13.40
N LYS A 510 -18.37 31.84 -14.01
CA LYS A 510 -18.13 31.29 -15.33
C LYS A 510 -18.04 29.78 -15.34
N VAL A 511 -17.68 29.16 -14.22
CA VAL A 511 -17.69 27.70 -14.12
C VAL A 511 -19.11 27.18 -14.07
N CYS A 512 -19.94 27.78 -13.21
CA CYS A 512 -21.31 27.33 -13.02
C CYS A 512 -22.19 27.57 -14.23
N ILE A 513 -21.86 28.57 -15.05
CA ILE A 513 -22.58 28.78 -16.31
C ILE A 513 -22.31 27.61 -17.26
N GLU A 514 -21.04 27.21 -17.38
CA GLU A 514 -20.72 26.06 -18.22
C GLU A 514 -21.09 24.73 -17.57
N MET A 515 -21.05 24.66 -16.23
CA MET A 515 -21.55 23.48 -15.52
C MET A 515 -23.05 23.27 -15.74
N ARG A 516 -23.81 24.34 -15.91
CA ARG A 516 -25.22 24.20 -16.19
C ARG A 516 -25.46 23.66 -17.61
N ARG A 517 -24.52 23.90 -18.51
CA ARG A 517 -24.61 23.44 -19.89
C ARG A 517 -24.00 22.07 -20.10
N ILE A 518 -23.36 21.51 -19.09
CA ILE A 518 -22.59 20.27 -19.23
C ILE A 518 -23.39 19.13 -18.61
N THR A 519 -23.52 18.04 -19.36
CA THR A 519 -24.16 16.82 -18.89
C THR A 519 -23.20 15.67 -19.11
N LEU A 520 -22.99 14.86 -18.09
CA LEU A 520 -22.06 13.75 -18.15
C LEU A 520 -22.83 12.43 -17.99
N LYS A 521 -22.09 11.34 -17.87
CA LYS A 521 -22.69 10.03 -17.66
C LYS A 521 -21.90 9.27 -16.61
N ASP A 522 -22.60 8.39 -15.91
CA ASP A 522 -21.95 7.47 -14.98
C ASP A 522 -21.29 6.37 -15.79
N SER A 523 -19.99 6.19 -15.60
CA SER A 523 -19.22 5.20 -16.35
C SER A 523 -18.90 4.01 -15.47
N VAL A 524 -19.03 2.82 -16.03
CA VAL A 524 -18.64 1.58 -15.38
C VAL A 524 -17.73 0.81 -16.33
N SER A 525 -16.64 0.27 -15.79
CA SER A 525 -15.74 -0.54 -16.58
C SER A 525 -16.39 -1.87 -16.94
N ASP A 526 -15.92 -2.45 -18.04
CA ASP A 526 -16.35 -3.81 -18.41
C ASP A 526 -15.35 -4.79 -17.79
N PHE A 527 -15.42 -4.81 -16.46
CA PHE A 527 -14.45 -5.44 -15.59
C PHE A 527 -15.01 -5.52 -14.18
N SER A 528 -15.14 -6.72 -13.62
CA SER A 528 -15.75 -6.88 -12.31
C SER A 528 -14.91 -7.77 -11.42
N GLU A 529 -13.61 -7.84 -11.69
CA GLU A 529 -12.69 -8.57 -10.83
C GLU A 529 -12.51 -7.82 -9.50
N PRO A 530 -12.17 -8.53 -8.42
CA PRO A 530 -12.11 -7.89 -7.09
C PRO A 530 -11.04 -6.83 -6.99
N PRO A 531 -11.22 -5.85 -6.12
CA PRO A 531 -10.20 -4.80 -5.95
C PRO A 531 -8.96 -5.30 -5.26
N GLU A 532 -7.83 -4.74 -5.65
CA GLU A 532 -6.60 -4.96 -4.92
C GLU A 532 -6.65 -4.18 -3.62
N ILE A 533 -5.93 -4.66 -2.62
CA ILE A 533 -5.95 -4.06 -1.29
C ILE A 533 -4.63 -3.35 -1.06
N ARG A 534 -4.70 -2.06 -0.75
CA ARG A 534 -3.53 -1.23 -0.45
C ARG A 534 -3.48 -1.04 1.06
N TYR A 535 -2.58 -1.77 1.72
CA TYR A 535 -2.37 -1.61 3.15
C TYR A 535 -1.49 -0.39 3.38
N ARG A 536 -1.96 0.54 4.20
CA ARG A 536 -1.15 1.68 4.59
C ARG A 536 -0.92 1.67 6.09
N ILE A 537 0.23 2.17 6.49
CA ILE A 537 0.58 2.38 7.88
C ILE A 537 1.06 3.81 8.02
N ALA A 538 0.97 4.34 9.24
CA ALA A 538 1.66 5.56 9.60
C ALA A 538 2.85 5.20 10.45
N LYS A 539 4.03 5.61 10.01
CA LYS A 539 5.21 5.42 10.81
C LYS A 539 5.22 6.41 11.97
N ASN A 540 5.55 5.92 13.16
CA ASN A 540 5.80 6.78 14.29
C ASN A 540 7.02 7.63 13.99
N PRO A 541 6.93 8.96 14.06
CA PRO A 541 8.12 9.78 13.81
C PRO A 541 9.23 9.57 14.83
N GLY A 542 8.89 9.33 16.10
CA GLY A 542 9.90 9.24 17.13
C GLY A 542 10.71 7.95 17.08
N THR A 543 10.05 6.84 16.79
CA THR A 543 10.69 5.53 16.85
C THR A 543 10.95 4.91 15.48
N ALA A 544 10.36 5.48 14.42
CA ALA A 544 10.43 4.98 13.03
C ALA A 544 9.92 3.56 12.90
N THR A 545 8.99 3.17 13.77
CA THR A 545 8.16 1.98 13.66
C THR A 545 6.75 2.45 13.37
N VAL A 546 5.80 1.52 13.33
CA VAL A 546 4.41 1.89 13.10
C VAL A 546 3.86 2.65 14.29
N GLU A 547 2.98 3.62 14.01
CA GLU A 547 2.23 4.27 15.06
C GLU A 547 1.22 3.29 15.64
N ASP A 548 0.98 3.42 16.95
CA ASP A 548 0.00 2.57 17.63
C ASP A 548 -1.40 2.87 17.11
N GLY A 549 -2.00 1.90 16.43
CA GLY A 549 -3.33 2.04 15.90
C GLY A 549 -3.39 2.30 14.41
N SER A 550 -2.27 2.61 13.77
CA SER A 550 -2.29 3.15 12.40
C SER A 550 -1.97 2.03 11.42
N LEU A 551 -3.00 1.25 11.10
CA LEU A 551 -2.92 0.24 10.04
C LEU A 551 -4.31 0.10 9.46
N PHE A 552 -4.40 0.22 8.14
CA PHE A 552 -5.68 0.27 7.46
C PHE A 552 -5.47 -0.07 5.99
N ASP A 553 -6.56 -0.45 5.33
CA ASP A 553 -6.50 -1.01 4.00
C ASP A 553 -7.54 -0.34 3.09
N ILE A 554 -7.21 -0.27 1.81
CA ILE A 554 -8.02 0.43 0.82
C ILE A 554 -8.24 -0.49 -0.37
N GLU A 555 -9.50 -0.67 -0.76
CA GLU A 555 -9.81 -1.30 -2.03
C GLU A 555 -9.50 -0.33 -3.16
N VAL A 556 -8.63 -0.75 -4.09
CA VAL A 556 -8.28 0.08 -5.24
C VAL A 556 -8.54 -0.69 -6.52
N GLY A 557 -8.74 0.05 -7.61
CA GLY A 557 -8.85 -0.54 -8.91
C GLY A 557 -7.50 -0.57 -9.59
N PRO A 558 -7.36 -1.37 -10.64
CA PRO A 558 -6.07 -1.46 -11.33
C PRO A 558 -5.83 -0.30 -12.27
N GLU A 559 -4.56 -0.05 -12.57
CA GLU A 559 -4.23 0.87 -13.65
C GLU A 559 -4.50 0.20 -14.99
N GLY A 560 -4.68 1.04 -16.01
CA GLY A 560 -5.03 0.56 -17.33
C GLY A 560 -6.50 0.29 -17.51
N LEU A 561 -7.30 0.40 -16.45
CA LEU A 561 -8.72 0.13 -16.55
C LEU A 561 -9.42 1.25 -17.28
N THR A 562 -10.34 0.89 -18.15
CA THR A 562 -10.92 1.80 -19.13
C THR A 562 -12.40 2.00 -18.81
N PHE A 563 -12.83 3.26 -18.81
CA PHE A 563 -14.19 3.62 -18.48
C PHE A 563 -14.80 4.44 -19.60
N PRO A 564 -16.07 4.22 -19.94
CA PRO A 564 -16.68 4.96 -21.04
C PRO A 564 -17.01 6.41 -20.69
N PHE A 565 -16.21 7.33 -21.18
CA PHE A 565 -16.38 8.75 -20.86
C PHE A 565 -17.40 9.36 -21.81
N VAL A 566 -18.38 10.05 -21.24
CA VAL A 566 -19.40 10.77 -22.00
C VAL A 566 -19.48 12.19 -21.46
N LEU A 567 -19.32 13.18 -22.35
CA LEU A 567 -19.57 14.57 -22.00
C LEU A 567 -20.52 15.15 -23.04
N ARG A 568 -21.56 15.82 -22.56
CA ARG A 568 -22.52 16.51 -23.41
C ARG A 568 -22.53 17.99 -23.05
N TYR A 569 -22.25 18.84 -24.04
CA TYR A 569 -22.33 20.29 -23.85
C TYR A 569 -23.47 20.82 -24.71
N ARG A 570 -24.43 21.46 -24.07
CA ARG A 570 -25.58 22.08 -24.73
C ARG A 570 -25.37 23.59 -24.64
N GLY A 571 -24.95 24.21 -25.73
CA GLY A 571 -24.67 25.63 -25.68
C GLY A 571 -24.52 26.22 -27.06
N HIS A 572 -24.25 27.53 -27.07
CA HIS A 572 -24.13 28.26 -28.34
C HIS A 572 -22.79 27.99 -28.99
N LYS A 573 -21.70 28.32 -28.31
CA LYS A 573 -20.37 27.99 -28.78
C LYS A 573 -19.71 27.05 -27.78
N PHE A 574 -18.82 26.21 -28.30
CA PHE A 574 -18.07 25.32 -27.42
C PHE A 574 -17.03 26.14 -26.67
N PRO A 575 -17.02 26.10 -25.34
CA PRO A 575 -16.15 27.00 -24.57
C PRO A 575 -14.70 26.57 -24.64
N GLU A 576 -13.83 27.58 -24.68
CA GLU A 576 -12.40 27.35 -24.82
C GLU A 576 -11.79 26.80 -23.53
N GLN A 577 -12.51 26.91 -22.41
CA GLN A 577 -12.05 26.35 -21.15
C GLN A 577 -12.40 24.87 -21.01
N LEU A 578 -13.57 24.46 -21.51
CA LEU A 578 -13.94 23.06 -21.43
C LEU A 578 -13.11 22.21 -22.38
N SER A 579 -12.84 22.72 -23.57
CA SER A 579 -11.94 22.04 -24.49
C SER A 579 -10.52 22.02 -23.97
N SER A 580 -10.16 22.98 -23.12
CA SER A 580 -8.87 22.94 -22.42
C SER A 580 -8.84 21.80 -21.42
N VAL A 581 -9.93 21.58 -20.68
CA VAL A 581 -9.99 20.50 -19.69
C VAL A 581 -9.98 19.15 -20.38
N ILE A 582 -10.67 19.04 -21.52
CA ILE A 582 -10.68 17.80 -22.29
C ILE A 582 -9.28 17.48 -22.82
N ARG A 583 -8.57 18.50 -23.32
CA ARG A 583 -7.19 18.30 -23.74
C ARG A 583 -6.24 18.09 -22.57
N TYR A 584 -6.58 18.67 -21.41
CA TYR A 584 -5.82 18.40 -20.18
C TYR A 584 -6.00 16.95 -19.75
N TRP A 585 -7.20 16.42 -19.91
CA TRP A 585 -7.48 15.06 -19.47
C TRP A 585 -6.93 14.05 -20.47
N GLU A 586 -6.59 14.50 -21.68
CA GLU A 586 -6.13 13.62 -22.74
C GLU A 586 -4.77 13.01 -22.46
N GLU A 587 -4.62 11.74 -22.80
CA GLU A 587 -3.30 11.12 -22.82
C GLU A 587 -2.51 11.58 -24.04
N ASN A 588 -3.08 11.38 -25.24
CA ASN A 588 -2.53 11.74 -26.56
C ASN A 588 -1.17 11.05 -26.73
N ASP A 589 -0.14 11.75 -27.18
CA ASP A 589 1.17 11.13 -27.40
C ASP A 589 2.22 11.72 -26.46
N GLY A 590 2.41 13.04 -26.47
CA GLY A 590 3.48 13.62 -25.67
C GLY A 590 3.11 13.78 -24.21
N LYS A 591 1.94 14.34 -23.92
CA LYS A 591 1.55 14.63 -22.55
C LYS A 591 1.06 13.36 -21.85
N ASN A 592 0.73 13.53 -20.58
CA ASN A 592 0.12 12.48 -19.78
C ASN A 592 -1.35 12.79 -19.56
N GLY A 593 -2.15 11.73 -19.46
CA GLY A 593 -3.56 11.91 -19.13
C GLY A 593 -3.71 12.38 -17.70
N MET A 594 -4.46 13.46 -17.52
CA MET A 594 -4.44 14.18 -16.25
C MET A 594 -5.84 14.42 -15.72
N ALA A 595 -6.67 13.40 -15.73
CA ALA A 595 -8.00 13.46 -15.12
C ALA A 595 -7.89 12.90 -13.71
N TRP A 596 -7.72 13.77 -12.73
CA TRP A 596 -7.63 13.36 -11.33
C TRP A 596 -9.06 13.14 -10.83
N LEU A 597 -9.52 11.90 -10.83
CA LEU A 597 -10.86 11.57 -10.39
C LEU A 597 -10.80 10.69 -9.15
N GLY A 598 -11.74 10.92 -8.25
CA GLY A 598 -11.82 10.08 -7.07
C GLY A 598 -11.03 10.63 -5.90
N GLY A 599 -10.61 9.71 -5.02
CA GLY A 599 -9.97 10.06 -3.78
C GLY A 599 -8.58 9.46 -3.63
N LEU A 600 -7.90 9.92 -2.58
CA LEU A 600 -6.49 9.64 -2.31
C LEU A 600 -5.62 9.95 -3.52
N ASP A 601 -5.87 11.11 -4.13
CA ASP A 601 -5.08 11.55 -5.29
C ASP A 601 -3.62 11.78 -4.91
N SER A 602 -3.37 12.18 -3.66
CA SER A 602 -2.00 12.47 -3.22
C SER A 602 -1.16 11.21 -3.14
N THR A 603 -1.79 10.06 -2.91
CA THR A 603 -1.14 8.77 -3.08
C THR A 603 -1.35 8.21 -4.47
N GLY A 604 -1.62 9.08 -5.45
CA GLY A 604 -1.75 8.68 -6.83
C GLY A 604 -2.91 7.77 -7.14
N LYS A 605 -4.04 7.93 -6.46
CA LYS A 605 -5.19 7.08 -6.71
C LYS A 605 -6.20 7.85 -7.55
N GLY A 606 -6.18 7.61 -8.85
CA GLY A 606 -7.20 8.11 -9.73
C GLY A 606 -6.77 9.14 -10.76
N ARG A 607 -5.52 9.09 -11.21
CA ARG A 607 -5.13 9.91 -12.35
C ARG A 607 -5.56 9.18 -13.61
N PHE A 608 -6.59 9.69 -14.25
CA PHE A 608 -7.18 9.03 -15.41
C PHE A 608 -6.71 9.71 -16.68
N ALA A 609 -6.69 8.94 -17.76
CA ALA A 609 -6.30 9.42 -19.07
C ALA A 609 -7.51 9.35 -19.99
N LEU A 610 -7.71 10.38 -20.79
CA LEU A 610 -8.80 10.42 -21.75
C LEU A 610 -8.24 10.02 -23.11
N LYS A 611 -8.70 8.90 -23.64
CA LYS A 611 -8.22 8.39 -24.91
C LYS A 611 -9.41 8.04 -25.80
N ASP A 612 -9.12 7.88 -27.09
CA ASP A 612 -10.10 7.56 -28.14
C ASP A 612 -11.23 8.59 -28.18
N ILE A 613 -10.86 9.86 -28.18
CA ILE A 613 -11.82 10.95 -28.14
C ILE A 613 -12.31 11.23 -29.55
N LYS A 614 -13.64 11.19 -29.72
CA LYS A 614 -14.29 11.64 -30.95
C LYS A 614 -15.39 12.60 -30.54
N ILE A 615 -15.11 13.90 -30.64
CA ILE A 615 -16.13 14.90 -30.33
C ILE A 615 -17.04 15.05 -31.52
N PHE A 616 -18.33 14.87 -31.30
CA PHE A 616 -19.35 15.09 -32.31
C PHE A 616 -20.20 16.28 -31.92
N GLU A 617 -21.00 16.77 -32.86
CA GLU A 617 -21.80 17.96 -32.64
C GLU A 617 -23.15 17.82 -33.32
N TRP A 618 -24.22 18.03 -32.56
CA TRP A 618 -25.56 18.12 -33.11
C TRP A 618 -25.84 19.56 -33.54
N ASP A 619 -26.69 19.71 -34.53
CA ASP A 619 -27.20 21.01 -34.94
C ASP A 619 -28.65 21.11 -34.48
N LEU A 620 -28.90 21.91 -33.46
CA LEU A 620 -30.20 21.98 -32.82
C LEU A 620 -31.08 23.10 -33.36
N ASN A 621 -30.60 23.87 -34.33
CA ASN A 621 -31.40 24.94 -34.92
C ASN A 621 -31.99 24.56 -36.26
N GLN A 622 -31.35 23.66 -37.00
CA GLN A 622 -31.84 23.17 -38.27
C GLN A 622 -32.19 21.69 -38.27
N LYS A 623 -31.56 20.90 -37.40
CA LYS A 623 -31.77 19.47 -37.35
C LYS A 623 -32.15 19.02 -35.95
N ILE A 624 -33.11 19.74 -35.35
CA ILE A 624 -33.56 19.41 -34.00
C ILE A 624 -34.46 18.18 -33.98
N ASN A 625 -35.14 17.88 -35.09
CA ASN A 625 -35.96 16.67 -35.15
C ASN A 625 -35.12 15.42 -35.16
N GLU A 626 -33.91 15.50 -35.72
CA GLU A 626 -32.98 14.38 -35.71
C GLU A 626 -32.38 14.17 -34.33
N TYR A 627 -32.22 15.24 -33.55
CA TYR A 627 -31.81 15.10 -32.15
C TYR A 627 -32.90 14.42 -31.32
N ILE A 628 -34.15 14.78 -31.56
CA ILE A 628 -35.27 14.18 -30.83
C ILE A 628 -35.47 12.73 -31.26
N LYS A 629 -35.30 12.44 -32.56
CA LYS A 629 -35.49 11.09 -33.09
C LYS A 629 -34.44 10.12 -32.55
N GLU A 630 -33.19 10.57 -32.45
CA GLU A 630 -32.13 9.75 -31.87
C GLU A 630 -32.02 9.91 -30.36
N ARG A 631 -32.84 10.79 -29.76
CA ARG A 631 -32.85 11.08 -28.33
C ARG A 631 -31.49 11.55 -27.83
N GLY A 632 -30.77 12.30 -28.66
CA GLY A 632 -29.44 12.75 -28.32
C GLY A 632 -28.39 11.67 -28.22
N MET A 633 -28.69 10.47 -28.75
CA MET A 633 -27.91 9.24 -28.58
C MET A 633 -27.65 8.95 -27.10
N ARG A 634 -28.67 9.17 -26.27
CA ARG A 634 -28.56 8.98 -24.83
C ARG A 634 -28.65 7.49 -24.51
N GLY A 635 -27.62 6.96 -23.87
CA GLY A 635 -27.52 5.53 -23.65
C GLY A 635 -26.95 4.77 -24.83
N LYS A 636 -26.82 5.42 -25.98
CA LYS A 636 -26.21 4.84 -27.17
C LYS A 636 -24.84 5.44 -27.43
N GLU A 637 -24.22 6.02 -26.40
CA GLU A 637 -22.91 6.63 -26.55
C GLU A 637 -21.82 5.59 -26.70
N LYS A 638 -22.03 4.38 -26.19
CA LYS A 638 -21.08 3.29 -26.40
C LYS A 638 -21.04 2.88 -27.87
N GLU A 639 -22.20 2.80 -28.51
CA GLU A 639 -22.24 2.55 -29.95
C GLU A 639 -21.68 3.73 -30.74
N LEU A 640 -21.81 4.95 -30.21
CA LEU A 640 -21.25 6.14 -30.85
C LEU A 640 -19.73 6.10 -30.88
N LEU A 641 -19.11 5.51 -29.86
CA LEU A 641 -17.65 5.44 -29.80
C LEU A 641 -17.09 4.41 -30.76
N GLU A 642 -17.87 3.38 -31.11
CA GLU A 642 -17.36 2.28 -31.92
C GLU A 642 -17.83 2.30 -33.37
N MET A 643 -18.77 3.17 -33.75
CA MET A 643 -19.11 3.21 -35.16
C MET A 643 -18.08 3.99 -35.95
N GLY A 644 -18.16 3.85 -37.27
CA GLY A 644 -17.34 4.64 -38.17
C GLY A 644 -17.90 6.03 -38.36
N GLU A 645 -17.21 6.80 -39.20
CA GLU A 645 -17.62 8.18 -39.44
C GLU A 645 -18.86 8.24 -40.34
N SER A 646 -19.03 7.27 -41.23
CA SER A 646 -20.18 7.23 -42.12
C SER A 646 -21.39 6.55 -41.49
N SER A 647 -21.22 5.88 -40.35
CA SER A 647 -22.32 5.22 -39.67
C SER A 647 -23.03 6.11 -38.66
N LEU A 648 -22.66 7.38 -38.60
CA LEU A 648 -23.26 8.33 -37.67
C LEU A 648 -24.71 8.58 -38.04
N PRO A 649 -25.57 8.87 -37.05
CA PRO A 649 -26.94 9.26 -37.36
C PRO A 649 -27.00 10.60 -38.07
N ASP A 650 -28.11 10.80 -38.78
CA ASP A 650 -28.35 12.06 -39.45
C ASP A 650 -28.52 13.17 -38.43
N GLY A 651 -27.92 14.33 -38.71
CA GLY A 651 -27.92 15.43 -37.77
C GLY A 651 -26.76 15.44 -36.80
N LEU A 652 -25.96 14.39 -36.75
CA LEU A 652 -24.81 14.30 -35.88
C LEU A 652 -23.55 14.32 -36.73
N ILE A 653 -22.81 15.43 -36.66
CA ILE A 653 -21.60 15.60 -37.46
C ILE A 653 -20.39 15.57 -36.52
N PRO A 654 -19.21 15.17 -37.00
CA PRO A 654 -18.01 15.30 -36.18
C PRO A 654 -17.62 16.75 -36.00
N TYR A 655 -17.02 17.04 -34.85
CA TYR A 655 -16.59 18.39 -34.50
C TYR A 655 -15.15 18.55 -34.97
N LYS A 656 -14.99 19.04 -36.20
CA LYS A 656 -13.67 19.24 -36.77
C LYS A 656 -12.99 20.51 -36.27
N PHE A 657 -13.72 21.39 -35.59
CA PHE A 657 -13.17 22.62 -35.04
C PHE A 657 -12.72 22.47 -33.60
N PHE A 658 -12.44 21.25 -33.15
CA PHE A 658 -11.89 21.03 -31.82
C PHE A 658 -10.47 21.56 -31.75
N GLU A 659 -10.24 22.48 -30.82
CA GLU A 659 -8.94 23.14 -30.72
C GLU A 659 -7.87 22.17 -30.24
N GLU A 660 -6.68 22.30 -30.79
CA GLU A 660 -5.58 21.41 -30.46
C GLU A 660 -5.00 21.77 -29.09
N ARG A 661 -4.02 20.98 -28.66
CA ARG A 661 -3.46 21.12 -27.32
C ARG A 661 -2.69 22.42 -27.14
N GLU A 662 -1.82 22.75 -28.09
CA GLU A 662 -0.98 23.93 -27.94
C GLU A 662 -1.64 25.21 -28.43
N CYS A 663 -2.85 25.13 -28.98
CA CYS A 663 -3.56 26.30 -29.46
C CYS A 663 -4.67 26.74 -28.51
N LEU A 664 -4.60 26.34 -27.24
CA LEU A 664 -5.64 26.61 -26.27
C LEU A 664 -5.13 27.60 -25.23
N PHE A 665 -5.82 28.75 -25.15
CA PHE A 665 -5.43 29.80 -24.20
C PHE A 665 -5.58 29.37 -22.73
N PRO A 666 -6.70 28.77 -22.27
CA PRO A 666 -6.76 28.39 -20.84
C PRO A 666 -5.99 27.13 -20.50
N TYR A 667 -5.65 26.29 -21.47
CA TYR A 667 -4.89 25.09 -21.16
C TYR A 667 -3.43 25.42 -20.87
N LYS A 668 -2.86 26.36 -21.62
CA LYS A 668 -1.41 26.57 -21.61
C LYS A 668 -0.92 27.23 -20.32
N GLU A 669 -1.72 28.12 -19.74
CA GLU A 669 -1.27 28.90 -18.59
C GLU A 669 -1.94 28.49 -17.28
N ASN A 670 -3.01 27.73 -17.33
CA ASN A 670 -3.76 27.39 -16.12
C ASN A 670 -3.77 25.90 -15.83
N LEU A 671 -3.97 25.05 -16.84
CA LEU A 671 -4.09 23.61 -16.64
C LEU A 671 -2.78 22.87 -16.84
N LYS A 672 -2.06 23.16 -17.92
CA LYS A 672 -0.75 22.54 -18.13
C LYS A 672 0.28 22.81 -17.03
N PRO A 673 0.46 24.02 -16.48
CA PRO A 673 1.37 24.13 -15.34
C PRO A 673 0.77 23.83 -13.98
N GLN A 674 -0.47 23.30 -13.92
CA GLN A 674 -1.12 23.09 -12.63
C GLN A 674 -0.45 21.99 -11.82
N TRP A 675 -0.13 20.86 -12.45
CA TRP A 675 0.68 19.82 -11.84
C TRP A 675 1.86 19.54 -12.74
N SER A 676 3.06 19.71 -12.22
CA SER A 676 4.29 19.52 -12.98
C SER A 676 4.87 18.15 -12.66
N GLU A 677 5.13 17.37 -13.71
CA GLU A 677 5.64 16.01 -13.56
C GLU A 677 7.12 16.05 -13.20
N VAL A 678 7.47 15.33 -12.14
CA VAL A 678 8.87 15.04 -11.82
C VAL A 678 9.01 13.52 -11.87
N GLN A 679 9.37 13.01 -13.04
CA GLN A 679 9.60 11.58 -13.23
C GLN A 679 11.08 11.28 -13.07
N TYR A 680 11.37 10.15 -12.42
CA TYR A 680 12.74 9.79 -12.10
C TYR A 680 12.82 8.29 -11.87
N THR A 681 14.03 7.77 -11.97
CA THR A 681 14.29 6.34 -11.82
C THR A 681 15.17 6.12 -10.60
N ILE A 682 14.76 5.19 -9.73
CA ILE A 682 15.52 4.87 -8.53
C ILE A 682 16.37 3.63 -8.81
N GLU A 683 17.67 3.77 -8.60
CA GLU A 683 18.61 2.66 -8.73
C GLU A 683 18.70 1.97 -7.37
N VAL A 684 18.21 0.72 -7.30
CA VAL A 684 18.26 -0.06 -6.07
C VAL A 684 19.30 -1.16 -6.25
N GLY A 685 20.45 -1.01 -5.62
CA GLY A 685 21.51 -1.99 -5.70
C GLY A 685 21.46 -2.97 -4.54
N SER A 686 20.29 -3.11 -3.93
CA SER A 686 20.03 -3.96 -2.79
C SER A 686 18.80 -4.79 -3.08
N PRO A 687 18.62 -5.92 -2.40
CA PRO A 687 17.35 -6.66 -2.53
C PRO A 687 16.17 -5.89 -1.93
N LEU A 688 15.27 -5.41 -2.78
CA LEU A 688 14.22 -4.51 -2.36
C LEU A 688 12.98 -5.30 -1.93
N LEU A 689 12.58 -5.10 -0.68
CA LEU A 689 11.42 -5.79 -0.12
C LEU A 689 10.43 -4.77 0.43
N THR A 690 9.46 -4.40 -0.39
CA THR A 690 8.23 -3.77 0.11
C THR A 690 7.28 -4.92 0.39
N ALA A 691 7.18 -5.29 1.67
CA ALA A 691 6.58 -6.57 2.04
C ALA A 691 5.07 -6.58 1.83
N ASP A 692 4.57 -7.68 1.29
CA ASP A 692 3.15 -7.97 1.19
C ASP A 692 2.96 -9.30 1.91
N THR A 693 2.79 -9.23 3.24
CA THR A 693 2.69 -10.46 4.02
C THR A 693 1.36 -11.16 3.82
N ILE A 694 0.31 -10.41 3.53
CA ILE A 694 -1.00 -11.02 3.28
C ILE A 694 -1.00 -11.77 1.96
N SER A 695 -0.37 -11.20 0.93
CA SER A 695 -0.21 -11.91 -0.34
C SER A 695 0.80 -13.03 -0.24
N ALA A 696 1.71 -12.98 0.76
CA ALA A 696 2.65 -14.07 0.96
C ALA A 696 1.97 -15.32 1.49
N LEU A 697 0.89 -15.16 2.25
CA LEU A 697 0.18 -16.31 2.81
C LEU A 697 -0.66 -17.03 1.76
N THR A 698 -1.03 -16.35 0.68
CA THR A 698 -1.97 -16.89 -0.29
C THR A 698 -1.30 -17.27 -1.61
N GLU A 699 0.03 -17.34 -1.63
CA GLU A 699 0.74 -17.64 -2.86
C GLU A 699 1.65 -18.85 -2.66
N PRO A 700 1.83 -19.69 -3.69
CA PRO A 700 2.53 -20.96 -3.48
C PRO A 700 4.04 -20.85 -3.32
N GLY A 701 4.62 -19.64 -3.35
CA GLY A 701 6.05 -19.51 -3.18
C GLY A 701 6.51 -19.81 -1.76
N ASN A 702 5.61 -19.64 -0.79
CA ASN A 702 5.80 -20.04 0.61
C ASN A 702 6.95 -19.29 1.27
N ARG A 703 6.86 -17.96 1.25
CA ARG A 703 7.78 -17.10 1.96
C ARG A 703 7.03 -16.29 3.00
N ASP A 704 7.73 -15.91 4.06
CA ASP A 704 7.09 -15.14 5.12
C ASP A 704 6.86 -13.69 4.70
N ALA A 705 7.69 -13.17 3.80
CA ALA A 705 7.56 -11.80 3.31
C ALA A 705 7.96 -11.75 1.85
N ILE A 706 7.00 -11.47 0.97
CA ILE A 706 7.27 -11.33 -0.44
C ILE A 706 7.12 -9.87 -0.82
N ALA A 707 7.71 -9.50 -1.96
CA ALA A 707 7.69 -8.13 -2.42
C ALA A 707 6.30 -7.76 -2.94
N TYR A 708 5.97 -6.48 -2.84
CA TYR A 708 4.67 -6.00 -3.30
C TYR A 708 4.61 -6.00 -4.82
N LYS A 709 3.51 -6.52 -5.35
CA LYS A 709 3.22 -6.44 -6.78
C LYS A 709 1.76 -6.04 -6.93
N LYS A 710 1.47 -5.31 -8.00
CA LYS A 710 0.13 -4.81 -8.26
C LYS A 710 -0.42 -5.42 -9.53
N ARG A 711 -1.72 -5.70 -9.53
CA ARG A 711 -2.40 -6.17 -10.73
C ARG A 711 -2.66 -4.98 -11.64
N VAL A 712 -2.27 -5.11 -12.90
CA VAL A 712 -2.37 -4.02 -13.87
C VAL A 712 -3.27 -4.52 -15.01
N TYR A 713 -4.34 -3.77 -15.27
CA TYR A 713 -5.25 -4.12 -16.35
C TYR A 713 -4.64 -3.72 -17.68
N ASN A 714 -4.84 -4.56 -18.70
CA ASN A 714 -4.41 -4.27 -20.05
C ASN A 714 -5.65 -4.10 -20.91
N ASP A 715 -5.74 -2.96 -21.60
CA ASP A 715 -6.88 -2.70 -22.47
C ASP A 715 -6.82 -3.50 -23.77
N GLY A 716 -5.62 -3.93 -24.18
CA GLY A 716 -5.53 -4.73 -25.39
C GLY A 716 -6.07 -6.14 -25.21
N ASN A 717 -5.72 -6.78 -24.10
CA ASN A 717 -6.19 -8.13 -23.81
C ASN A 717 -7.48 -8.15 -23.01
N ASN A 718 -7.96 -6.98 -22.58
CA ASN A 718 -9.19 -6.80 -21.79
C ASN A 718 -9.16 -7.60 -20.49
N ALA A 719 -7.98 -7.68 -19.87
CA ALA A 719 -7.80 -8.47 -18.66
C ALA A 719 -6.59 -7.96 -17.91
N ILE A 720 -6.43 -8.45 -16.69
CA ILE A 720 -5.21 -8.23 -15.92
C ILE A 720 -4.06 -8.92 -16.61
N GLU A 721 -2.91 -8.23 -16.69
CA GLU A 721 -1.71 -8.82 -17.25
C GLU A 721 -1.27 -10.01 -16.39
N PRO A 722 -0.82 -11.11 -17.00
CA PRO A 722 -0.53 -12.33 -16.22
C PRO A 722 0.67 -12.21 -15.30
N GLU A 723 1.57 -11.26 -15.56
CA GLU A 723 2.67 -10.98 -14.64
C GLU A 723 2.36 -9.69 -13.90
N PRO A 724 2.07 -9.73 -12.60
CA PRO A 724 1.90 -8.48 -11.85
C PRO A 724 3.19 -7.68 -11.80
N ARG A 725 3.05 -6.36 -11.96
CA ARG A 725 4.19 -5.47 -11.93
C ARG A 725 4.60 -5.22 -10.48
N PHE A 726 5.85 -5.55 -10.16
CA PHE A 726 6.37 -5.24 -8.84
C PHE A 726 6.59 -3.75 -8.71
N ALA A 727 6.29 -3.21 -7.53
CA ALA A 727 6.38 -1.79 -7.33
C ALA A 727 6.59 -1.49 -5.85
N VAL A 728 7.34 -0.43 -5.59
CA VAL A 728 7.22 0.27 -4.32
C VAL A 728 5.95 1.08 -4.38
N LYS A 729 5.13 0.98 -3.33
CA LYS A 729 3.82 1.60 -3.30
C LYS A 729 3.94 3.13 -3.36
N SER A 730 2.93 3.76 -3.96
CA SER A 730 2.88 5.21 -4.03
C SER A 730 2.77 5.82 -2.65
N GLU A 731 2.06 5.14 -1.74
CA GLU A 731 2.00 5.56 -0.34
C GLU A 731 3.36 5.45 0.33
N THR A 732 4.11 4.38 0.04
CA THR A 732 5.49 4.27 0.49
C THR A 732 6.36 5.33 -0.18
N HIS A 733 6.12 5.57 -1.47
CA HIS A 733 6.81 6.65 -2.20
C HIS A 733 6.48 8.01 -1.60
N ARG A 734 5.22 8.20 -1.22
CA ARG A 734 4.80 9.47 -0.61
C ARG A 734 5.38 9.63 0.78
N GLY A 735 5.29 8.59 1.61
CA GLY A 735 5.71 8.71 2.99
C GLY A 735 7.21 8.76 3.20
N ILE A 736 7.99 8.25 2.25
CA ILE A 736 9.43 8.43 2.30
C ILE A 736 9.79 9.90 2.08
N PHE A 737 9.16 10.51 1.08
CA PHE A 737 9.34 11.93 0.81
C PHE A 737 8.82 12.79 1.96
N ARG A 738 7.68 12.41 2.54
CA ARG A 738 7.12 13.16 3.65
C ARG A 738 7.97 13.03 4.90
N THR A 739 8.57 11.86 5.12
CA THR A 739 9.55 11.71 6.18
C THR A 739 10.80 12.54 5.91
N ALA A 740 11.28 12.50 4.66
CA ALA A 740 12.53 13.17 4.31
C ALA A 740 12.43 14.69 4.44
N VAL A 741 11.29 15.27 4.06
CA VAL A 741 11.05 16.69 4.32
C VAL A 741 10.83 16.90 5.83
N GLY A 742 10.16 15.96 6.49
CA GLY A 742 9.80 16.14 7.88
C GLY A 742 10.99 16.17 8.84
N ARG A 743 11.94 15.26 8.66
CA ARG A 743 13.12 15.29 9.52
C ARG A 743 14.11 16.38 9.11
N ARG A 744 14.05 16.86 7.86
CA ARG A 744 14.91 17.96 7.47
C ARG A 744 14.38 19.30 7.99
N THR A 745 13.07 19.44 8.08
CA THR A 745 12.44 20.67 8.57
C THR A 745 12.13 20.63 10.05
N GLY A 746 12.16 19.46 10.68
CA GLY A 746 11.70 19.34 12.05
C GLY A 746 10.20 19.28 12.20
N ASP A 747 9.46 19.24 11.09
CA ASP A 747 8.00 19.22 11.11
C ASP A 747 7.44 17.85 11.44
N LEU A 748 8.23 16.80 11.28
CA LEU A 748 7.78 15.45 11.63
C LEU A 748 7.66 15.29 13.14
N GLY A 749 8.43 16.06 13.90
CA GLY A 749 8.42 16.01 15.35
C GLY A 749 7.39 16.87 16.03
N LYS A 750 6.51 17.53 15.28
CA LYS A 750 5.42 18.27 15.89
C LYS A 750 4.40 17.29 16.48
N GLU A 751 3.87 17.66 17.65
CA GLU A 751 2.96 16.76 18.36
C GLU A 751 1.62 16.64 17.64
N ASP A 752 1.09 17.75 17.14
CA ASP A 752 -0.16 17.75 16.41
C ASP A 752 -0.03 18.63 15.19
N HIS A 753 -0.84 18.33 14.17
CA HIS A 753 -0.86 19.10 12.93
C HIS A 753 -2.26 19.62 12.65
N GLU A 754 -2.96 20.01 13.71
CA GLU A 754 -4.25 20.65 13.59
C GLU A 754 -4.04 22.15 13.38
N ASP A 755 -4.63 22.68 12.29
CA ASP A 755 -4.48 24.07 11.87
C ASP A 755 -3.01 24.46 11.70
N CYS A 756 -2.25 23.58 11.06
CA CYS A 756 -0.80 23.71 10.95
C CYS A 756 -0.44 24.21 9.55
N THR A 757 0.41 25.23 9.50
CA THR A 757 0.94 25.75 8.25
C THR A 757 2.44 25.53 8.17
N CYS A 758 2.90 24.38 8.66
CA CYS A 758 4.31 24.02 8.58
C CYS A 758 4.67 23.65 7.14
N ASP A 759 5.98 23.56 6.89
CA ASP A 759 6.48 23.31 5.54
C ASP A 759 6.06 21.94 5.02
N MET A 760 6.07 20.93 5.87
CA MET A 760 5.60 19.61 5.44
C MET A 760 4.08 19.56 5.34
N CYS A 761 3.36 20.31 6.18
CA CYS A 761 1.90 20.34 6.09
C CYS A 761 1.41 21.16 4.89
N ILE A 762 2.17 22.16 4.44
CA ILE A 762 1.80 22.85 3.21
C ILE A 762 2.05 21.94 2.01
N ILE A 763 3.18 21.24 1.99
CA ILE A 763 3.54 20.41 0.84
C ILE A 763 2.69 19.16 0.79
N PHE A 764 2.67 18.38 1.88
CA PHE A 764 2.06 17.06 1.89
C PHE A 764 0.65 17.07 2.44
N GLY A 765 0.09 18.23 2.76
CA GLY A 765 -1.26 18.30 3.27
C GLY A 765 -1.34 17.90 4.72
N ASN A 766 -2.54 18.05 5.26
CA ASN A 766 -2.82 17.69 6.65
C ASN A 766 -4.27 17.24 6.72
N GLU A 767 -4.83 17.24 7.93
CA GLU A 767 -6.21 16.88 8.12
C GLU A 767 -7.19 17.91 7.55
N HIS A 768 -6.72 19.11 7.22
CA HIS A 768 -7.57 20.18 6.71
C HIS A 768 -7.32 20.52 5.26
N GLU A 769 -6.07 20.59 4.82
CA GLU A 769 -5.73 20.92 3.45
C GLU A 769 -5.30 19.66 2.70
N SER A 770 -5.66 19.57 1.43
CA SER A 770 -5.14 18.52 0.58
C SER A 770 -3.67 18.78 0.26
N SER A 771 -2.99 17.73 -0.17
CA SER A 771 -1.58 17.83 -0.49
C SER A 771 -1.35 18.60 -1.78
N LYS A 772 -0.26 19.36 -1.80
CA LYS A 772 0.22 20.01 -3.00
C LYS A 772 1.20 19.13 -3.77
N ILE A 773 1.23 17.84 -3.47
CA ILE A 773 2.11 16.91 -4.17
C ILE A 773 1.42 15.54 -4.22
N ARG A 774 1.44 14.93 -5.40
CA ARG A 774 0.74 13.68 -5.66
C ARG A 774 1.76 12.65 -6.13
N PHE A 775 1.88 11.55 -5.40
CA PHE A 775 2.93 10.56 -5.63
C PHE A 775 2.35 9.34 -6.33
N GLU A 776 3.01 8.90 -7.39
CA GLU A 776 2.61 7.70 -8.10
C GLU A 776 3.50 6.54 -7.69
N ASP A 777 3.10 5.34 -8.13
CA ASP A 777 3.83 4.13 -7.81
C ASP A 777 5.19 4.13 -8.50
N LEU A 778 6.16 3.46 -7.89
CA LEU A 778 7.49 3.31 -8.47
C LEU A 778 7.52 1.99 -9.23
N GLU A 779 7.30 2.07 -10.55
CA GLU A 779 7.29 0.88 -11.39
C GLU A 779 8.68 0.27 -11.48
N LEU A 780 8.78 -1.03 -11.28
CA LEU A 780 10.01 -1.75 -11.58
C LEU A 780 10.10 -1.93 -13.08
N ILE A 781 10.96 -1.14 -13.72
CA ILE A 781 11.14 -1.19 -15.17
C ILE A 781 12.34 -2.03 -15.56
N ASN A 782 12.95 -2.72 -14.60
CA ASN A 782 14.15 -3.52 -14.83
C ASN A 782 13.90 -5.02 -14.77
N GLY A 783 12.67 -5.45 -14.49
CA GLY A 783 12.41 -6.84 -14.12
C GLY A 783 12.61 -7.85 -15.22
N ASN A 784 12.64 -7.41 -16.48
CA ASN A 784 12.87 -8.33 -17.59
C ASN A 784 14.34 -8.75 -17.68
N GLU A 785 15.26 -7.91 -17.22
CA GLU A 785 16.68 -8.20 -17.34
C GLU A 785 17.19 -9.17 -16.29
N PHE A 786 16.42 -9.44 -15.24
CA PHE A 786 16.84 -10.38 -14.20
C PHE A 786 16.38 -11.77 -14.57
N GLU A 787 17.32 -12.72 -14.57
CA GLU A 787 16.99 -14.12 -14.83
C GLU A 787 16.14 -14.69 -13.70
N LYS A 788 16.56 -14.47 -12.46
CA LYS A 788 15.75 -14.76 -11.28
C LYS A 788 15.49 -13.43 -10.59
N LEU A 789 14.29 -12.89 -10.81
CA LEU A 789 14.01 -11.52 -10.39
C LEU A 789 13.81 -11.41 -8.89
N GLU A 790 13.39 -12.50 -8.25
CA GLU A 790 13.19 -12.53 -6.81
C GLU A 790 14.21 -13.45 -6.17
N LYS A 791 14.85 -12.96 -5.11
CA LYS A 791 15.86 -13.72 -4.37
C LYS A 791 15.23 -14.28 -3.11
N HIS A 792 15.58 -15.50 -2.75
CA HIS A 792 15.16 -16.08 -1.48
C HIS A 792 16.30 -15.90 -0.49
N ILE A 793 16.10 -15.03 0.50
CA ILE A 793 17.09 -14.78 1.54
C ILE A 793 16.53 -15.29 2.84
N ASP A 794 17.12 -16.36 3.36
CA ASP A 794 16.75 -16.85 4.68
C ASP A 794 17.29 -15.93 5.74
N HIS A 795 16.58 -15.86 6.87
CA HIS A 795 17.00 -15.03 7.99
C HIS A 795 16.72 -15.79 9.28
N VAL A 796 17.53 -15.51 10.29
CA VAL A 796 17.40 -16.21 11.56
C VAL A 796 17.87 -15.29 12.67
N ALA A 797 17.37 -15.53 13.88
CA ALA A 797 17.84 -14.84 15.06
C ALA A 797 18.63 -15.82 15.91
N ILE A 798 19.86 -15.45 16.24
CA ILE A 798 20.77 -16.31 16.99
C ILE A 798 20.70 -15.93 18.45
N ASP A 799 20.43 -16.91 19.30
CA ASP A 799 20.44 -16.73 20.74
C ASP A 799 21.81 -16.27 21.20
N ARG A 800 21.84 -15.34 22.15
CA ARG A 800 23.11 -14.82 22.60
C ARG A 800 23.85 -15.83 23.47
N PHE A 801 23.13 -16.66 24.20
CA PHE A 801 23.74 -17.69 25.04
C PHE A 801 24.04 -18.96 24.25
N THR A 802 23.12 -19.45 23.44
CA THR A 802 23.38 -20.61 22.60
C THR A 802 23.62 -20.13 21.18
N GLY A 803 24.77 -20.50 20.61
CA GLY A 803 25.18 -19.97 19.31
C GLY A 803 24.34 -20.35 18.10
N GLY A 804 23.27 -21.13 18.29
CA GLY A 804 22.37 -21.49 17.24
C GLY A 804 21.10 -20.67 17.25
N ALA A 805 20.10 -21.15 16.53
CA ALA A 805 18.86 -20.42 16.29
C ALA A 805 17.98 -20.38 17.52
N LEU A 806 17.03 -19.44 17.50
CA LEU A 806 16.03 -19.33 18.55
C LEU A 806 14.95 -20.39 18.36
N ASP A 807 14.12 -20.56 19.39
CA ASP A 807 13.08 -21.59 19.40
C ASP A 807 11.94 -21.30 18.42
N LYS A 808 11.80 -20.06 17.95
CA LYS A 808 10.78 -19.76 16.96
C LYS A 808 11.23 -18.82 15.87
N ALA A 809 12.41 -18.20 15.98
CA ALA A 809 12.77 -17.05 15.15
C ALA A 809 13.64 -17.50 13.98
N LYS A 810 12.99 -18.11 12.99
CA LYS A 810 13.61 -18.46 11.72
C LYS A 810 12.63 -18.10 10.62
N PHE A 811 13.10 -17.43 9.59
CA PHE A 811 12.21 -16.95 8.55
C PHE A 811 12.97 -16.67 7.26
N ASP A 812 12.26 -16.12 6.29
CA ASP A 812 12.85 -15.85 5.00
C ASP A 812 12.08 -14.72 4.34
N THR A 813 12.81 -13.93 3.55
CA THR A 813 12.23 -12.86 2.78
C THR A 813 12.30 -13.23 1.30
N TYR A 814 11.47 -12.54 0.51
CA TYR A 814 11.49 -12.71 -0.95
C TYR A 814 11.55 -11.35 -1.62
N PRO A 815 12.67 -10.63 -1.50
CA PRO A 815 12.77 -9.33 -2.16
C PRO A 815 13.05 -9.48 -3.64
N LEU A 816 12.96 -8.36 -4.34
CA LEU A 816 13.41 -8.31 -5.72
C LEU A 816 14.93 -8.35 -5.74
N ALA A 817 15.49 -9.25 -6.56
CA ALA A 817 16.91 -9.59 -6.47
C ALA A 817 17.77 -8.46 -7.02
N GLY A 818 17.96 -7.43 -6.20
CA GLY A 818 18.80 -6.30 -6.57
C GLY A 818 20.22 -6.46 -6.05
N SER A 819 21.17 -6.07 -6.88
CA SER A 819 22.59 -6.21 -6.62
C SER A 819 23.29 -4.95 -7.09
N PRO A 820 24.49 -4.65 -6.57
CA PRO A 820 25.19 -3.44 -7.03
C PRO A 820 25.56 -3.42 -8.51
N LYS A 821 25.91 -4.56 -9.10
CA LYS A 821 26.24 -4.58 -10.52
C LYS A 821 25.03 -4.77 -11.42
N LYS A 822 23.92 -5.27 -10.87
CA LYS A 822 22.66 -5.41 -11.61
C LYS A 822 21.54 -4.83 -10.76
N PRO A 823 21.39 -3.52 -10.76
CA PRO A 823 20.42 -2.89 -9.85
C PRO A 823 19.00 -2.89 -10.39
N LEU A 824 18.07 -2.76 -9.46
CA LEU A 824 16.67 -2.60 -9.83
C LEU A 824 16.39 -1.15 -10.16
N LYS A 825 15.74 -0.92 -11.29
CA LYS A 825 15.36 0.41 -11.74
C LYS A 825 13.91 0.64 -11.41
N LEU A 826 13.63 1.61 -10.55
CA LEU A 826 12.28 1.92 -10.09
C LEU A 826 11.88 3.28 -10.67
N LYS A 827 11.11 3.25 -11.75
CA LYS A 827 10.63 4.46 -12.39
C LYS A 827 9.33 4.90 -11.71
N GLY A 828 9.38 6.00 -10.98
CA GLY A 828 8.20 6.58 -10.39
C GLY A 828 8.21 8.08 -10.57
N ARG A 829 7.02 8.66 -10.50
CA ARG A 829 6.87 10.09 -10.73
C ARG A 829 6.02 10.68 -9.62
N PHE A 830 6.18 11.98 -9.42
CA PHE A 830 5.25 12.73 -8.60
C PHE A 830 4.91 14.03 -9.31
N TRP A 831 3.88 14.69 -8.81
CA TRP A 831 3.34 15.90 -9.40
C TRP A 831 3.43 17.05 -8.42
N ILE A 832 3.79 18.22 -8.92
CA ILE A 832 4.04 19.40 -8.10
C ILE A 832 2.98 20.44 -8.45
N LYS A 833 2.24 20.88 -7.44
CA LYS A 833 1.17 21.86 -7.63
C LYS A 833 1.72 23.22 -8.05
N LYS A 834 0.98 23.88 -8.95
CA LYS A 834 1.26 25.27 -9.30
C LYS A 834 1.11 26.15 -8.06
N GLY A 835 2.04 27.07 -7.87
CA GLY A 835 2.11 27.86 -6.66
C GLY A 835 3.05 27.29 -5.63
N PHE A 836 3.86 26.31 -6.00
CA PHE A 836 4.84 25.73 -5.09
C PHE A 836 5.94 26.75 -4.80
N SER A 837 6.25 26.94 -3.53
CA SER A 837 7.26 27.92 -3.15
C SER A 837 8.65 27.44 -3.56
N GLY A 838 9.55 28.40 -3.75
CA GLY A 838 10.93 28.07 -4.07
C GLY A 838 11.64 27.35 -2.95
N ASP A 839 11.31 27.69 -1.69
CA ASP A 839 11.79 26.90 -0.57
C ASP A 839 11.16 25.52 -0.56
N HIS A 840 9.87 25.43 -0.93
CA HIS A 840 9.20 24.14 -0.97
C HIS A 840 9.65 23.28 -2.14
N LYS A 841 10.01 23.91 -3.26
CA LYS A 841 10.64 23.17 -4.35
C LYS A 841 12.02 22.67 -3.95
N LEU A 842 12.75 23.45 -3.14
CA LEU A 842 14.06 23.04 -2.67
C LEU A 842 13.95 21.89 -1.67
N LEU A 843 12.90 21.87 -0.86
CA LEU A 843 12.71 20.80 0.12
C LEU A 843 12.42 19.47 -0.55
N ILE A 844 11.70 19.49 -1.68
CA ILE A 844 11.39 18.27 -2.40
C ILE A 844 12.63 17.72 -3.08
N THR A 845 13.44 18.60 -3.70
CA THR A 845 14.68 18.16 -4.33
C THR A 845 15.71 17.71 -3.30
N THR A 846 15.72 18.33 -2.12
CA THR A 846 16.55 17.85 -1.02
C THR A 846 16.07 16.48 -0.55
N ALA A 847 14.75 16.29 -0.49
CA ALA A 847 14.20 14.98 -0.20
C ALA A 847 14.49 13.99 -1.32
N LEU A 848 14.48 14.46 -2.56
CA LEU A 848 14.89 13.63 -3.69
C LEU A 848 16.37 13.29 -3.62
N SER A 849 17.20 14.25 -3.19
CA SER A 849 18.62 13.98 -3.03
C SER A 849 18.90 13.14 -1.79
N ASP A 850 18.01 13.19 -0.79
CA ASP A 850 18.18 12.35 0.39
C ASP A 850 17.99 10.87 0.05
N ILE A 851 17.00 10.56 -0.78
CA ILE A 851 16.82 9.19 -1.25
C ILE A 851 17.97 8.78 -2.17
N ARG A 852 18.44 9.72 -3.00
CA ARG A 852 19.58 9.44 -3.88
C ARG A 852 20.86 9.19 -3.09
N ASP A 853 21.01 9.85 -1.94
CA ASP A 853 22.15 9.63 -1.08
C ASP A 853 21.98 8.45 -0.14
N GLY A 854 20.91 7.67 -0.30
CA GLY A 854 20.72 6.45 0.47
C GLY A 854 20.25 6.65 1.89
N LEU A 855 19.75 7.84 2.23
CA LEU A 855 19.30 8.11 3.59
C LEU A 855 18.01 7.38 3.93
N TYR A 856 17.21 7.02 2.92
CA TYR A 856 15.90 6.41 3.15
C TYR A 856 15.78 5.17 2.27
N PRO A 857 16.06 3.99 2.82
CA PRO A 857 15.80 2.75 2.08
C PRO A 857 14.31 2.54 1.87
N LEU A 858 13.98 1.93 0.73
CA LEU A 858 12.60 1.73 0.33
C LEU A 858 12.14 0.35 0.78
N GLY A 859 10.97 0.29 1.38
CA GLY A 859 10.45 -0.98 1.83
C GLY A 859 10.98 -1.36 3.20
N SER A 860 10.86 -2.65 3.49
CA SER A 860 11.21 -3.18 4.80
C SER A 860 12.68 -3.57 4.86
N LYS A 861 13.14 -3.82 6.09
CA LYS A 861 14.46 -4.36 6.41
C LYS A 861 15.59 -3.46 5.90
N GLY A 862 15.37 -2.15 5.93
CA GLY A 862 16.38 -1.21 5.48
C GLY A 862 17.62 -1.19 6.34
N GLY A 863 17.46 -1.45 7.64
CA GLY A 863 18.61 -1.59 8.51
C GLY A 863 19.36 -2.89 8.33
N VAL A 864 18.74 -3.86 7.67
CA VAL A 864 19.39 -5.12 7.37
C VAL A 864 20.05 -5.08 5.99
N GLY A 865 19.69 -4.11 5.15
CA GLY A 865 20.39 -3.91 3.90
C GLY A 865 19.49 -3.98 2.70
N TYR A 866 18.20 -3.81 2.91
CA TYR A 866 17.20 -4.02 1.86
C TYR A 866 16.71 -2.68 1.35
N GLY A 867 16.53 -2.60 0.03
CA GLY A 867 15.97 -1.40 -0.57
C GLY A 867 16.90 -0.20 -0.55
N TRP A 868 18.20 -0.43 -0.41
CA TRP A 868 19.16 0.66 -0.42
C TRP A 868 19.28 1.24 -1.82
N VAL A 869 19.20 2.57 -1.91
CA VAL A 869 19.17 3.25 -3.20
C VAL A 869 20.60 3.57 -3.61
N ALA A 870 21.00 3.05 -4.78
CA ALA A 870 22.31 3.37 -5.32
C ALA A 870 22.35 4.77 -5.89
N GLY A 871 21.27 5.23 -6.49
CA GLY A 871 21.21 6.57 -7.04
C GLY A 871 19.85 6.83 -7.65
N ILE A 872 19.69 8.05 -8.13
CA ILE A 872 18.45 8.48 -8.78
C ILE A 872 18.82 9.22 -10.07
N SER A 873 18.23 8.78 -11.18
CA SER A 873 18.36 9.43 -12.47
C SER A 873 17.09 10.21 -12.75
N ILE A 874 17.21 11.52 -12.91
CA ILE A 874 16.08 12.41 -13.12
C ILE A 874 15.85 12.55 -14.63
N ASP A 875 14.60 12.38 -15.06
CA ASP A 875 14.26 12.43 -16.49
C ASP A 875 14.45 13.84 -17.05
N ASP A 876 14.58 13.90 -18.38
CA ASP A 876 14.91 15.16 -19.05
C ASP A 876 13.73 16.12 -19.09
N ASN A 877 12.51 15.62 -19.01
CA ASN A 877 11.32 16.45 -19.12
C ASN A 877 10.89 17.06 -17.78
N VAL A 878 11.70 16.92 -16.75
CA VAL A 878 11.38 17.49 -15.44
C VAL A 878 11.55 19.00 -15.45
N ILE A 905 42.02 4.22 6.85
CA ILE A 905 41.80 4.19 8.29
C ILE A 905 42.15 2.82 8.84
N ASN A 906 42.87 2.79 9.95
CA ASN A 906 43.25 1.54 10.59
C ASN A 906 43.15 1.67 12.11
N ASN A 907 42.86 0.56 12.76
CA ASN A 907 42.81 0.49 14.22
C ASN A 907 44.12 -0.14 14.68
N ASP A 908 44.95 0.66 15.34
CA ASP A 908 46.30 0.26 15.71
C ASP A 908 46.37 -0.45 17.05
N TYR A 909 45.23 -0.68 17.72
CA TYR A 909 45.23 -1.34 19.01
C TYR A 909 45.59 -2.81 18.84
N VAL A 910 46.41 -3.31 19.77
CA VAL A 910 46.82 -4.72 19.78
C VAL A 910 46.46 -5.28 21.14
N HIS A 911 45.55 -6.23 21.17
CA HIS A 911 45.24 -6.98 22.37
C HIS A 911 46.28 -8.10 22.54
N PRO A 912 46.76 -8.33 23.77
CA PRO A 912 47.76 -9.40 23.97
C PRO A 912 47.24 -10.79 23.65
N GLY A 913 45.95 -11.03 23.84
CA GLY A 913 45.40 -12.34 23.63
C GLY A 913 45.41 -13.15 24.91
N HIS A 914 45.65 -14.45 24.80
CA HIS A 914 45.69 -15.33 25.94
C HIS A 914 47.07 -15.96 26.04
N GLN A 915 47.50 -16.22 27.28
CA GLN A 915 48.85 -16.72 27.50
C GLN A 915 48.99 -18.19 27.13
N SER A 916 47.91 -18.97 27.25
CA SER A 916 47.93 -20.40 26.96
C SER A 916 48.26 -20.75 25.51
N PRO A 917 47.73 -20.08 24.47
CA PRO A 917 48.27 -20.36 23.12
C PRO A 917 49.66 -19.79 22.90
N LYS A 918 50.03 -18.73 23.60
CA LYS A 918 51.37 -18.17 23.44
C LYS A 918 52.41 -19.03 24.14
N GLN A 919 52.08 -19.58 25.31
CA GLN A 919 53.01 -20.46 26.02
C GLN A 919 53.18 -21.80 25.31
N ASP A 920 52.12 -22.33 24.70
CA ASP A 920 52.16 -23.61 24.04
C ASP A 920 52.27 -23.31 22.55
N HIS A 921 53.51 -23.28 22.05
CA HIS A 921 53.79 -23.01 20.65
C HIS A 921 53.85 -24.26 19.80
N LYS A 922 53.76 -25.44 20.40
CA LYS A 922 53.80 -26.70 19.66
C LYS A 922 52.41 -27.18 19.25
N ASN A 923 51.36 -26.41 19.59
CA ASN A 923 49.98 -26.66 19.20
C ASN A 923 49.46 -28.00 19.74
N LYS A 924 49.96 -28.39 20.90
CA LYS A 924 49.51 -29.59 21.60
C LYS A 924 48.27 -29.31 22.44
N ASN A 925 48.21 -28.10 23.01
CA ASN A 925 47.10 -27.69 23.85
C ASN A 925 45.81 -27.58 23.02
N ILE A 926 44.71 -28.03 23.61
CA ILE A 926 43.43 -28.14 22.91
C ILE A 926 42.40 -27.30 23.66
N TYR A 927 41.69 -26.45 22.92
CA TYR A 927 40.75 -25.51 23.50
C TYR A 927 39.35 -25.78 22.97
N TYR A 928 38.37 -25.37 23.76
CA TYR A 928 36.97 -25.50 23.38
C TYR A 928 36.66 -24.55 22.22
N PRO A 929 35.78 -24.95 21.29
CA PRO A 929 35.42 -24.06 20.18
C PRO A 929 34.72 -22.80 20.59
N HIS A 930 33.97 -22.82 21.68
CA HIS A 930 33.29 -21.62 22.14
C HIS A 930 33.52 -21.41 23.63
N TYR A 931 33.50 -20.15 24.03
CA TYR A 931 33.55 -19.78 25.42
C TYR A 931 32.49 -18.72 25.68
N PHE A 932 32.10 -18.58 26.93
CA PHE A 932 31.01 -17.71 27.31
C PHE A 932 31.55 -16.45 27.97
N LEU A 933 30.92 -15.32 27.68
CA LEU A 933 31.30 -14.03 28.23
C LEU A 933 30.36 -13.68 29.37
N ASP A 934 30.81 -13.90 30.60
CA ASP A 934 30.04 -13.53 31.80
C ASP A 934 30.39 -12.09 32.14
N SER A 935 29.73 -11.17 31.43
CA SER A 935 29.99 -9.74 31.63
C SER A 935 29.47 -9.26 32.97
N GLY A 936 28.31 -9.75 33.40
CA GLY A 936 27.72 -9.34 34.65
C GLY A 936 26.23 -9.12 34.53
N SER A 937 25.59 -8.68 35.61
CA SER A 937 24.15 -8.44 35.62
C SER A 937 23.80 -6.96 35.64
N LYS A 938 24.71 -6.11 35.17
CA LYS A 938 24.50 -4.66 35.16
C LYS A 938 24.31 -4.22 33.72
N VAL A 939 23.07 -3.91 33.35
CA VAL A 939 22.73 -3.44 32.02
C VAL A 939 22.20 -2.02 32.16
N TYR A 940 22.83 -1.07 31.48
CA TYR A 940 22.40 0.31 31.50
C TYR A 940 21.29 0.49 30.46
N ARG A 941 20.15 1.00 30.89
CA ARG A 941 19.02 1.23 29.99
C ARG A 941 18.70 2.71 29.96
N GLU A 942 18.91 3.33 28.80
CA GLU A 942 18.65 4.75 28.62
C GLU A 942 17.16 4.95 28.40
N LYS A 943 16.50 5.61 29.36
CA LYS A 943 15.10 5.97 29.18
C LYS A 943 14.92 7.16 28.26
N ASP A 944 15.97 7.97 28.06
CA ASP A 944 15.94 9.08 27.11
C ASP A 944 16.18 8.50 25.72
N ILE A 945 15.09 8.07 25.10
CA ILE A 945 15.15 7.40 23.80
C ILE A 945 15.42 8.43 22.72
N ILE A 946 16.42 8.16 21.88
CA ILE A 946 16.79 9.07 20.81
C ILE A 946 15.72 9.03 19.72
N THR A 947 15.20 10.19 19.36
CA THR A 947 14.11 10.24 18.40
C THR A 947 14.62 10.05 16.98
N HIS A 948 13.72 9.55 16.13
CA HIS A 948 13.97 9.45 14.69
C HIS A 948 13.31 10.59 13.92
N GLU A 949 12.64 11.52 14.61
CA GLU A 949 11.84 12.54 13.96
C GLU A 949 12.67 13.64 13.31
N GLU A 950 13.98 13.69 13.57
CA GLU A 950 14.82 14.73 13.04
C GLU A 950 16.25 14.21 12.96
N PHE A 951 17.08 14.92 12.19
CA PHE A 951 18.52 14.75 12.25
C PHE A 951 19.03 15.77 13.26
N THR A 952 19.39 15.29 14.45
CA THR A 952 19.89 16.18 15.49
C THR A 952 21.27 16.71 15.10
N GLU A 953 21.48 18.01 15.34
CA GLU A 953 22.71 18.66 14.89
C GLU A 953 23.92 18.20 15.70
N GLU A 954 23.73 17.94 16.99
CA GLU A 954 24.84 17.45 17.82
C GLU A 954 25.12 15.98 17.56
N LEU A 955 24.11 15.22 17.12
CA LEU A 955 24.29 13.80 16.85
C LEU A 955 24.92 13.59 15.47
N LEU A 956 25.45 12.39 15.27
CA LEU A 956 26.20 12.06 14.07
C LEU A 956 25.38 11.13 13.19
N SER A 957 25.25 11.48 11.92
CA SER A 957 24.61 10.65 10.92
C SER A 957 25.52 10.56 9.71
N GLY A 958 25.54 9.41 9.06
CA GLY A 958 26.41 9.26 7.89
C GLY A 958 26.55 7.81 7.46
N LYS A 959 27.70 7.53 6.84
CA LYS A 959 27.96 6.22 6.26
C LYS A 959 29.40 5.82 6.55
N ILE A 960 29.60 4.55 6.88
CA ILE A 960 30.93 3.97 7.07
C ILE A 960 31.18 2.99 5.94
N ASN A 961 32.19 3.26 5.12
CA ASN A 961 32.63 2.31 4.12
C ASN A 961 33.66 1.38 4.77
N CYS A 962 33.33 0.10 4.85
CA CYS A 962 34.17 -0.88 5.54
C CYS A 962 34.59 -1.97 4.57
N LYS A 963 35.87 -2.32 4.61
CA LYS A 963 36.39 -3.47 3.86
C LYS A 963 36.40 -4.67 4.79
N LEU A 964 35.68 -5.71 4.41
CA LEU A 964 35.66 -6.96 5.15
C LEU A 964 36.66 -7.92 4.51
N GLU A 965 37.67 -8.33 5.28
CA GLU A 965 38.70 -9.22 4.79
C GLU A 965 38.58 -10.55 5.51
N THR A 966 38.45 -11.63 4.75
CA THR A 966 38.33 -12.97 5.34
C THR A 966 39.70 -13.48 5.75
N LEU A 967 39.86 -13.76 7.05
CA LEU A 967 41.12 -14.29 7.56
C LEU A 967 41.15 -15.81 7.52
N THR A 968 39.99 -16.44 7.66
CA THR A 968 39.82 -17.85 7.34
C THR A 968 38.91 -17.98 6.13
N PRO A 969 38.83 -19.16 5.54
CA PRO A 969 37.74 -19.46 4.62
C PRO A 969 36.37 -19.21 5.22
N LEU A 970 35.54 -18.49 4.46
CA LEU A 970 34.26 -17.97 4.92
C LEU A 970 33.12 -18.68 4.21
N ILE A 971 32.11 -19.08 4.98
CA ILE A 971 30.92 -19.71 4.43
C ILE A 971 29.73 -18.81 4.72
N ILE A 972 29.18 -18.21 3.67
CA ILE A 972 27.86 -17.61 3.70
C ILE A 972 27.00 -18.35 2.69
N PRO A 973 26.21 -19.32 3.13
CA PRO A 973 25.52 -20.21 2.18
C PRO A 973 24.35 -19.54 1.50
N ASP A 974 24.21 -19.82 0.21
CA ASP A 974 23.04 -19.44 -0.57
C ASP A 974 21.97 -20.48 -0.29
N THR A 975 21.20 -20.26 0.76
CA THR A 975 20.17 -21.19 1.18
C THR A 975 18.85 -20.99 0.44
N SER A 976 18.85 -20.17 -0.61
CA SER A 976 17.74 -20.16 -1.56
C SER A 976 17.60 -21.52 -2.23
N ASP A 977 18.71 -22.12 -2.62
CA ASP A 977 18.73 -23.44 -3.23
C ASP A 977 19.39 -24.41 -2.25
N GLU A 978 18.63 -25.44 -1.87
CA GLU A 978 19.19 -26.56 -1.10
C GLU A 978 20.00 -27.50 -1.98
N ASN A 979 19.91 -27.35 -3.29
CA ASN A 979 20.69 -28.11 -4.26
C ASN A 979 21.48 -27.15 -5.13
N GLY A 980 22.15 -26.19 -4.49
CA GLY A 980 22.86 -25.16 -5.24
C GLY A 980 24.06 -25.68 -5.99
N LEU A 981 24.78 -26.62 -5.39
CA LEU A 981 25.97 -27.20 -6.02
C LEU A 981 25.64 -28.37 -6.93
N LYS A 982 24.36 -28.75 -7.01
CA LYS A 982 23.83 -29.80 -7.89
C LYS A 982 24.50 -31.16 -7.61
N LEU A 983 24.37 -31.60 -6.36
CA LEU A 983 24.88 -32.92 -5.98
C LEU A 983 23.91 -33.68 -5.09
N GLN A 984 22.63 -33.32 -5.08
CA GLN A 984 21.65 -34.09 -4.32
C GLN A 984 21.20 -35.35 -5.05
N GLY A 985 21.49 -35.47 -6.35
CA GLY A 985 21.21 -36.71 -7.04
C GLY A 985 22.09 -37.85 -6.55
N ASN A 986 23.39 -37.59 -6.40
CA ASN A 986 24.29 -38.62 -5.90
C ASN A 986 24.16 -38.83 -4.40
N LYS A 987 23.92 -37.75 -3.65
CA LYS A 987 23.76 -37.80 -2.20
C LYS A 987 22.38 -37.26 -1.85
N PRO A 988 21.38 -38.12 -1.71
CA PRO A 988 20.01 -37.63 -1.45
C PRO A 988 19.86 -37.11 -0.03
N GLY A 989 19.30 -35.91 0.09
CA GLY A 989 19.11 -35.26 1.37
C GLY A 989 20.27 -34.42 1.84
N HIS A 990 21.42 -34.50 1.17
CA HIS A 990 22.60 -33.70 1.55
C HIS A 990 22.39 -32.28 1.08
N LYS A 991 22.12 -31.38 2.01
CA LYS A 991 21.85 -29.98 1.68
C LYS A 991 23.13 -29.30 1.23
N ASN A 992 23.21 -28.99 -0.06
CA ASN A 992 24.38 -28.33 -0.61
C ASN A 992 24.02 -26.92 -1.08
N TYR A 993 24.77 -25.94 -0.62
CA TYR A 993 24.51 -24.55 -0.95
C TYR A 993 25.70 -23.95 -1.68
N LYS A 994 25.40 -22.98 -2.55
CA LYS A 994 26.42 -22.10 -3.06
C LYS A 994 26.74 -21.01 -2.05
N PHE A 995 27.74 -20.20 -2.35
CA PHE A 995 27.95 -18.99 -1.59
C PHE A 995 26.82 -18.01 -1.91
N PHE A 996 26.50 -17.16 -0.94
CA PHE A 996 25.40 -16.21 -1.11
C PHE A 996 25.71 -15.24 -2.24
N ASN A 997 24.75 -15.10 -3.14
CA ASN A 997 24.94 -14.29 -4.32
C ASN A 997 23.61 -13.74 -4.78
N ILE A 998 23.61 -12.50 -5.27
CA ILE A 998 22.45 -11.91 -5.91
C ILE A 998 22.86 -11.55 -7.33
N ASN A 999 22.15 -12.14 -8.31
CA ASN A 999 22.38 -11.93 -9.75
C ASN A 999 23.81 -12.28 -10.15
N GLY A 1000 24.36 -13.32 -9.53
CA GLY A 1000 25.65 -13.86 -9.88
C GLY A 1000 26.79 -13.39 -9.00
N GLU A 1001 26.79 -12.12 -8.60
CA GLU A 1001 27.93 -11.55 -7.87
C GLU A 1001 27.87 -11.95 -6.41
N LEU A 1002 29.03 -12.20 -5.82
CA LEU A 1002 29.12 -12.77 -4.49
C LEU A 1002 28.82 -11.70 -3.45
N MET A 1003 27.88 -11.99 -2.56
CA MET A 1003 27.42 -11.04 -1.56
C MET A 1003 27.43 -11.68 -0.19
N ILE A 1004 27.62 -10.84 0.82
CA ILE A 1004 27.28 -11.17 2.20
C ILE A 1004 26.07 -10.34 2.58
N PRO A 1005 24.98 -10.94 3.04
CA PRO A 1005 23.82 -10.14 3.46
C PRO A 1005 24.15 -9.31 4.68
N GLY A 1006 23.58 -8.10 4.72
CA GLY A 1006 23.85 -7.22 5.83
C GLY A 1006 23.20 -7.62 7.12
N SER A 1007 22.26 -8.56 7.08
CA SER A 1007 21.69 -9.13 8.30
C SER A 1007 22.75 -9.83 9.13
N GLU A 1008 23.61 -10.63 8.48
CA GLU A 1008 24.71 -11.27 9.18
C GLU A 1008 25.74 -10.26 9.65
N LEU A 1009 25.99 -9.23 8.83
CA LEU A 1009 26.90 -8.16 9.25
C LEU A 1009 26.31 -7.36 10.40
N ARG A 1010 24.99 -7.14 10.38
CA ARG A 1010 24.35 -6.45 11.49
C ARG A 1010 24.29 -7.34 12.73
N GLY A 1011 23.90 -8.61 12.53
CA GLY A 1011 23.71 -9.50 13.67
C GLY A 1011 24.99 -9.86 14.38
N MET A 1012 26.09 -10.03 13.63
CA MET A 1012 27.37 -10.28 14.26
C MET A 1012 27.95 -9.01 14.88
N LEU A 1013 27.71 -7.84 14.27
CA LEU A 1013 28.07 -6.60 14.94
C LEU A 1013 27.17 -6.31 16.13
N ARG A 1014 25.88 -6.68 16.05
CA ARG A 1014 25.02 -6.52 17.22
C ARG A 1014 25.48 -7.43 18.36
N THR A 1015 25.86 -8.66 18.04
CA THR A 1015 26.38 -9.58 19.05
C THR A 1015 27.69 -9.07 19.64
N HIS A 1016 28.52 -8.41 18.82
CA HIS A 1016 29.72 -7.79 19.35
C HIS A 1016 29.40 -6.54 20.16
N PHE A 1017 28.45 -5.72 19.67
CA PHE A 1017 28.11 -4.48 20.36
C PHE A 1017 27.39 -4.75 21.68
N GLU A 1018 26.54 -5.76 21.73
CA GLU A 1018 25.86 -6.09 22.97
C GLU A 1018 26.81 -6.71 23.99
N ALA A 1019 27.83 -7.42 23.51
CA ALA A 1019 28.85 -7.93 24.42
C ALA A 1019 29.78 -6.82 24.91
N LEU A 1020 30.10 -5.88 24.03
CA LEU A 1020 31.03 -4.82 24.38
C LEU A 1020 30.41 -3.80 25.33
N THR A 1021 29.11 -3.55 25.18
CA THR A 1021 28.44 -2.50 25.93
C THR A 1021 27.66 -3.04 27.13
N LYS A 1022 27.87 -4.32 27.49
CA LYS A 1022 27.20 -4.99 28.62
C LYS A 1022 25.68 -4.92 28.48
N SER A 1023 25.19 -5.15 27.28
CA SER A 1023 23.79 -4.94 26.97
C SER A 1023 22.97 -6.15 27.40
N CYS A 1024 21.68 -6.13 27.07
CA CYS A 1024 20.78 -7.23 27.34
C CYS A 1024 21.02 -8.36 26.34
N PHE A 1025 20.46 -9.53 26.66
CA PHE A 1025 20.47 -10.65 25.75
C PHE A 1025 19.24 -10.49 24.87
N ALA A 1026 19.41 -9.75 23.75
CA ALA A 1026 18.28 -9.31 22.94
C ALA A 1026 17.58 -10.48 22.27
N ILE A 1027 18.32 -11.50 21.87
CA ILE A 1027 17.74 -12.75 21.39
C ILE A 1027 18.09 -13.81 22.41
N PHE A 1028 17.09 -14.24 23.18
CA PHE A 1028 17.30 -15.22 24.23
C PHE A 1028 16.14 -16.21 24.26
N GLY A 1029 16.47 -17.49 24.41
CA GLY A 1029 15.48 -18.53 24.54
C GLY A 1029 14.95 -18.64 25.96
N GLU A 1030 14.05 -17.73 26.34
CA GLU A 1030 13.49 -17.74 27.69
C GLU A 1030 12.63 -18.98 27.94
N ASP A 1031 11.93 -19.47 26.92
CA ASP A 1031 11.00 -20.58 27.09
C ASP A 1031 11.68 -21.94 27.11
N SER A 1032 12.98 -22.01 26.82
CA SER A 1032 13.68 -23.28 26.80
C SER A 1032 13.92 -23.78 28.21
N THR A 1033 13.72 -25.09 28.41
CA THR A 1033 13.84 -25.73 29.70
C THR A 1033 15.22 -26.37 29.85
N LEU A 1034 15.42 -27.05 30.98
CA LEU A 1034 16.67 -27.72 31.27
C LEU A 1034 16.38 -29.13 31.78
N SER A 1035 17.35 -30.02 31.58
CA SER A 1035 17.23 -31.40 32.02
C SER A 1035 18.45 -31.82 32.84
N ALA A 1397 16.14 -27.98 35.78
CA ALA A 1397 14.79 -28.47 35.55
C ALA A 1397 13.79 -27.75 36.44
N SER A 1398 14.30 -27.04 37.43
CA SER A 1398 13.44 -26.30 38.36
C SER A 1398 12.80 -25.10 37.67
N LYS A 1399 13.56 -24.39 36.83
CA LYS A 1399 13.07 -23.22 36.12
C LYS A 1399 13.43 -23.35 34.64
N THR A 1400 13.11 -22.32 33.88
CA THR A 1400 13.45 -22.26 32.47
C THR A 1400 14.81 -21.58 32.30
N LEU A 1401 15.20 -21.31 31.05
CA LEU A 1401 16.42 -20.56 30.82
C LEU A 1401 16.24 -19.08 31.12
N GLY A 1402 15.02 -18.56 30.97
CA GLY A 1402 14.75 -17.19 31.34
C GLY A 1402 14.80 -16.97 32.85
N GLY A 1403 14.46 -18.00 33.63
CA GLY A 1403 14.63 -17.91 35.07
C GLY A 1403 16.09 -17.88 35.48
N LYS A 1404 16.93 -18.66 34.79
CA LYS A 1404 18.36 -18.66 35.08
C LYS A 1404 19.02 -17.34 34.68
N LEU A 1405 18.54 -16.72 33.60
CA LEU A 1405 19.06 -15.43 33.18
C LEU A 1405 18.61 -14.33 34.12
N ASP A 1406 19.51 -13.38 34.39
CA ASP A 1406 19.20 -12.27 35.27
C ASP A 1406 18.20 -11.33 34.61
N LYS A 1407 17.46 -10.59 35.45
CA LYS A 1407 16.38 -9.75 34.96
C LYS A 1407 16.89 -8.56 34.15
N ALA A 1408 18.12 -8.11 34.40
CA ALA A 1408 18.69 -7.04 33.60
C ALA A 1408 19.10 -7.53 32.22
N LEU A 1409 19.50 -8.79 32.11
CA LEU A 1409 19.93 -9.35 30.83
C LEU A 1409 18.76 -9.74 29.94
N HIS A 1410 17.54 -9.69 30.44
CA HIS A 1410 16.38 -10.04 29.63
C HIS A 1410 16.18 -9.01 28.53
N PRO A 1411 15.67 -9.44 27.37
CA PRO A 1411 15.52 -8.50 26.23
C PRO A 1411 14.57 -7.36 26.53
N CYS A 1412 14.87 -6.21 25.93
CA CYS A 1412 14.17 -4.97 26.22
C CYS A 1412 12.77 -5.02 25.61
N THR A 1413 11.75 -5.01 26.47
CA THR A 1413 10.36 -5.05 26.05
C THR A 1413 9.78 -3.66 26.23
N GLY A 1414 9.54 -2.98 25.12
CA GLY A 1414 8.99 -1.64 25.15
C GLY A 1414 10.04 -0.59 25.45
N LEU A 1415 9.61 0.66 25.36
CA LEU A 1415 10.48 1.81 25.59
C LEU A 1415 10.30 2.42 26.98
N SER A 1416 9.42 1.86 27.80
CA SER A 1416 9.13 2.47 29.10
C SER A 1416 10.25 2.24 30.10
N ASP A 1417 10.87 1.07 30.08
CA ASP A 1417 11.93 0.73 31.01
C ASP A 1417 13.31 1.13 30.53
N GLY A 1418 13.40 1.79 29.38
CA GLY A 1418 14.68 2.13 28.79
C GLY A 1418 15.19 1.05 27.87
N LEU A 1419 16.20 1.40 27.09
CA LEU A 1419 16.80 0.50 26.12
C LEU A 1419 18.26 0.30 26.43
N CYS A 1420 18.70 -0.96 26.37
CA CYS A 1420 20.10 -1.33 26.48
C CYS A 1420 20.88 -0.75 25.30
N PRO A 1421 22.20 -0.53 25.44
CA PRO A 1421 22.96 0.14 24.37
C PRO A 1421 22.99 -0.59 23.05
N GLY A 1422 22.99 -1.93 23.07
CA GLY A 1422 22.79 -2.68 21.83
C GLY A 1422 21.38 -2.50 21.29
N CYS A 1423 20.39 -2.52 22.17
CA CYS A 1423 19.00 -2.34 21.75
C CYS A 1423 18.68 -0.89 21.45
N HIS A 1424 19.45 0.07 21.98
CA HIS A 1424 19.28 1.45 21.57
C HIS A 1424 19.85 1.69 20.19
N LEU A 1425 21.03 1.12 19.90
CA LEU A 1425 21.68 1.33 18.61
C LEU A 1425 21.04 0.49 17.52
N PHE A 1426 20.83 -0.80 17.78
CA PHE A 1426 20.36 -1.72 16.75
C PHE A 1426 18.85 -1.92 16.78
N GLY A 1427 18.16 -1.44 17.80
CA GLY A 1427 16.71 -1.36 17.77
C GLY A 1427 16.03 -2.52 18.48
N THR A 1428 14.77 -2.28 18.82
CA THR A 1428 13.84 -3.28 19.34
C THR A 1428 12.62 -3.34 18.44
N THR A 1429 11.60 -4.08 18.87
CA THR A 1429 10.35 -4.09 18.13
C THR A 1429 9.59 -2.77 18.27
N ASP A 1430 9.90 -1.97 19.29
CA ASP A 1430 9.29 -0.67 19.50
C ASP A 1430 10.17 0.48 19.04
N TYR A 1431 11.27 0.19 18.34
CA TYR A 1431 12.27 1.22 18.05
C TYR A 1431 13.11 0.78 16.86
N LYS A 1432 13.08 1.56 15.77
CA LYS A 1432 13.94 1.27 14.63
C LYS A 1432 15.40 1.49 15.01
N GLY A 1433 16.25 0.55 14.60
CA GLY A 1433 17.67 0.68 14.83
C GLY A 1433 18.26 1.84 14.07
N ARG A 1434 19.22 2.51 14.71
CA ARG A 1434 19.84 3.69 14.15
C ARG A 1434 21.08 3.37 13.33
N VAL A 1435 21.39 2.09 13.14
CA VAL A 1435 22.45 1.65 12.25
C VAL A 1435 21.81 0.83 11.14
N LYS A 1436 22.32 0.98 9.93
CA LYS A 1436 21.84 0.25 8.76
C LYS A 1436 23.04 -0.42 8.12
N PHE A 1437 23.00 -1.74 8.03
CA PHE A 1437 24.12 -2.53 7.53
C PHE A 1437 23.79 -3.00 6.12
N GLY A 1438 24.54 -2.50 5.14
CA GLY A 1438 24.30 -2.89 3.77
C GLY A 1438 24.87 -4.25 3.46
N PHE A 1439 24.47 -4.75 2.30
CA PHE A 1439 25.00 -6.01 1.79
C PHE A 1439 26.46 -5.80 1.37
N ALA A 1440 27.31 -6.78 1.68
CA ALA A 1440 28.73 -6.68 1.38
C ALA A 1440 29.00 -7.24 -0.01
N LYS A 1441 29.34 -6.38 -0.95
CA LYS A 1441 29.68 -6.83 -2.29
C LYS A 1441 31.14 -7.26 -2.36
N TYR A 1442 31.41 -8.22 -3.23
CA TYR A 1442 32.75 -8.75 -3.41
C TYR A 1442 33.57 -7.87 -4.36
N GLU A 1443 34.83 -7.63 -4.01
CA GLU A 1443 35.74 -6.96 -4.92
C GLU A 1443 36.92 -7.81 -5.35
N ASN A 1444 37.73 -8.31 -4.42
CA ASN A 1444 39.01 -8.89 -4.82
C ASN A 1444 39.43 -9.94 -3.81
N GLY A 1445 40.49 -10.68 -4.15
CA GLY A 1445 40.98 -11.76 -3.34
C GLY A 1445 40.96 -13.06 -4.10
N PRO A 1446 41.63 -14.08 -3.58
CA PRO A 1446 41.51 -15.42 -4.16
C PRO A 1446 40.11 -15.98 -3.92
N GLU A 1447 39.35 -16.14 -5.00
CA GLU A 1447 37.88 -16.22 -4.91
C GLU A 1447 37.41 -17.47 -4.17
N TRP A 1448 37.93 -18.63 -4.54
CA TRP A 1448 37.41 -19.88 -4.02
C TRP A 1448 38.51 -20.67 -3.33
N LEU A 1449 38.17 -21.29 -2.21
CA LEU A 1449 39.05 -22.24 -1.55
C LEU A 1449 39.03 -23.54 -2.34
N ILE A 1450 40.11 -23.82 -3.06
CA ILE A 1450 40.14 -24.93 -4.00
C ILE A 1450 40.67 -26.17 -3.30
N THR A 1451 39.86 -27.23 -3.28
CA THR A 1451 40.24 -28.52 -2.74
C THR A 1451 40.16 -29.54 -3.85
N ARG A 1452 41.21 -30.36 -3.98
CA ARG A 1452 41.33 -31.25 -5.13
C ARG A 1452 40.39 -32.45 -5.04
N GLY A 1453 40.06 -32.91 -3.84
CA GLY A 1453 39.26 -34.11 -3.71
C GLY A 1453 37.77 -33.92 -3.89
N ASN A 1454 37.25 -32.72 -3.64
CA ASN A 1454 35.81 -32.49 -3.69
C ASN A 1454 35.34 -32.38 -5.13
N ASN A 1455 34.10 -32.85 -5.38
CA ASN A 1455 33.52 -32.88 -6.72
C ASN A 1455 33.30 -31.46 -7.25
N PRO A 1456 32.81 -30.48 -6.45
CA PRO A 1456 33.16 -29.08 -6.79
C PRO A 1456 34.41 -28.66 -6.04
N GLU A 1457 35.43 -28.17 -6.77
CA GLU A 1457 36.69 -27.79 -6.14
C GLU A 1457 36.53 -26.60 -5.22
N ARG A 1458 35.60 -25.70 -5.54
CA ARG A 1458 35.30 -24.54 -4.71
C ARG A 1458 34.52 -24.89 -3.44
N SER A 1459 34.04 -26.12 -3.32
CA SER A 1459 33.18 -26.52 -2.22
C SER A 1459 33.97 -27.20 -1.11
N LEU A 1460 33.28 -27.44 -0.01
CA LEU A 1460 33.84 -28.16 1.14
C LEU A 1460 32.69 -28.79 1.91
N THR A 1461 32.73 -30.10 2.07
CA THR A 1461 31.76 -30.82 2.89
C THR A 1461 32.23 -30.75 4.34
N LEU A 1462 31.37 -30.21 5.20
CA LEU A 1462 31.78 -29.89 6.56
C LEU A 1462 31.41 -31.02 7.51
N GLY A 1463 31.87 -30.90 8.74
CA GLY A 1463 31.37 -31.73 9.80
C GLY A 1463 29.96 -31.33 10.18
N VAL A 1464 29.34 -32.14 11.02
CA VAL A 1464 27.94 -31.91 11.34
C VAL A 1464 27.83 -30.71 12.29
N LEU A 1465 26.68 -30.08 12.29
CA LEU A 1465 26.42 -28.91 13.12
C LEU A 1465 25.14 -29.21 13.89
N GLU A 1466 25.31 -29.56 15.16
CA GLU A 1466 24.19 -29.90 16.01
C GLU A 1466 23.86 -28.72 16.92
N SER A 1467 22.68 -28.77 17.52
CA SER A 1467 22.18 -27.64 18.29
C SER A 1467 23.03 -27.46 19.56
N PRO A 1468 23.30 -26.22 19.94
CA PRO A 1468 23.99 -25.99 21.21
C PRO A 1468 23.18 -26.46 22.40
N ARG A 1469 23.85 -27.13 23.33
CA ARG A 1469 23.19 -27.74 24.46
C ARG A 1469 23.45 -26.94 25.71
N PRO A 1470 22.43 -26.29 26.29
CA PRO A 1470 22.64 -25.53 27.54
C PRO A 1470 22.92 -26.39 28.76
N ALA A 1471 22.70 -27.70 28.69
CA ALA A 1471 22.95 -28.57 29.84
C ALA A 1471 24.44 -28.70 30.13
N PHE A 1472 25.30 -28.55 29.11
CA PHE A 1472 26.73 -28.54 29.36
C PHE A 1472 27.16 -27.22 30.00
N SER A 1473 26.63 -26.10 29.50
CA SER A 1473 26.96 -24.80 30.07
C SER A 1473 26.31 -24.61 31.43
N ILE A 1474 25.11 -25.15 31.63
CA ILE A 1474 24.43 -25.11 32.91
C ILE A 1474 24.30 -26.54 33.40
N PRO A 1475 25.26 -27.05 34.18
CA PRO A 1475 25.25 -28.47 34.53
C PRO A 1475 24.18 -28.84 35.56
N ASP A 1476 23.85 -27.94 36.46
CA ASP A 1476 22.85 -28.19 37.49
C ASP A 1476 21.92 -26.99 37.60
N ASP A 1477 20.94 -27.10 38.49
CA ASP A 1477 20.02 -25.99 38.75
C ASP A 1477 20.64 -24.88 39.57
N GLU A 1478 21.80 -25.13 40.20
CA GLU A 1478 22.46 -24.11 41.00
C GLU A 1478 23.32 -23.16 40.19
N SER A 1479 23.52 -23.46 38.91
CA SER A 1479 24.35 -22.62 38.05
C SER A 1479 23.48 -21.67 37.21
N GLU A 1480 24.00 -20.48 36.98
CA GLU A 1480 23.28 -19.45 36.23
C GLU A 1480 23.65 -19.55 34.76
N ILE A 1481 23.24 -18.57 33.96
CA ILE A 1481 23.59 -18.49 32.55
C ILE A 1481 25.05 -18.05 32.45
N PRO A 1482 25.91 -18.82 31.78
CA PRO A 1482 27.32 -18.45 31.66
C PRO A 1482 27.57 -17.18 30.85
N GLY A 1483 26.68 -16.81 29.94
CA GLY A 1483 26.87 -15.58 29.19
C GLY A 1483 26.83 -15.73 27.69
N ARG A 1484 27.41 -14.77 26.98
CA ARG A 1484 27.36 -14.74 25.53
C ARG A 1484 28.36 -15.72 24.93
N LYS A 1485 27.87 -16.61 24.06
CA LYS A 1485 28.74 -17.57 23.41
C LYS A 1485 29.47 -16.92 22.25
N PHE A 1486 30.79 -16.99 22.27
CA PHE A 1486 31.62 -16.51 21.18
C PHE A 1486 32.57 -17.62 20.76
N TYR A 1487 32.84 -17.69 19.47
CA TYR A 1487 33.66 -18.76 18.90
C TYR A 1487 35.07 -18.26 18.64
N LEU A 1488 36.03 -19.15 18.88
CA LEU A 1488 37.43 -18.80 18.74
C LEU A 1488 37.83 -18.69 17.27
N HIS A 1489 38.91 -17.95 17.03
CA HIS A 1489 39.49 -17.84 15.71
C HIS A 1489 40.61 -18.87 15.61
N HIS A 1490 40.38 -19.92 14.83
CA HIS A 1490 41.36 -20.97 14.66
C HIS A 1490 41.29 -21.46 13.22
N ASN A 1491 42.30 -22.25 12.83
CA ASN A 1491 42.35 -22.84 11.50
C ASN A 1491 41.97 -24.31 11.54
N GLY A 1492 40.96 -24.66 12.33
CA GLY A 1492 40.37 -25.99 12.31
C GLY A 1492 39.61 -26.32 11.04
N TRP A 1493 39.40 -25.33 10.17
CA TRP A 1493 38.93 -25.60 8.81
C TRP A 1493 39.94 -26.41 8.01
N ARG A 1494 41.24 -26.27 8.32
CA ARG A 1494 42.26 -27.06 7.65
C ARG A 1494 42.15 -28.53 7.99
N ILE A 1495 41.66 -28.85 9.20
CA ILE A 1495 41.42 -30.23 9.57
C ILE A 1495 40.29 -30.80 8.72
N ILE A 1496 39.19 -30.05 8.57
CA ILE A 1496 38.04 -30.48 7.78
C ILE A 1496 38.40 -30.58 6.31
N ARG A 1497 39.27 -29.68 5.84
CA ARG A 1497 39.72 -29.74 4.44
C ARG A 1497 40.56 -30.98 4.16
N GLN A 1498 41.33 -31.45 5.15
CA GLN A 1498 42.19 -32.59 4.88
C GLN A 1498 41.49 -33.92 5.15
N LYS A 1499 40.34 -33.91 5.83
CA LYS A 1499 39.54 -35.12 6.02
C LYS A 1499 38.23 -35.02 5.24
N GLN A 1500 38.29 -34.39 4.07
CA GLN A 1500 37.11 -34.25 3.21
C GLN A 1500 36.63 -35.60 2.70
N LEU A 1501 37.58 -36.47 2.42
CA LEU A 1501 37.23 -37.85 2.01
C LEU A 1501 36.59 -38.56 3.19
N GLU A 1502 37.17 -38.44 4.38
CA GLU A 1502 36.71 -39.17 5.56
C GLU A 1502 35.38 -38.64 6.08
N ILE A 1503 35.16 -37.32 5.95
CA ILE A 1503 33.89 -36.73 6.37
C ILE A 1503 32.74 -37.23 5.48
N ARG A 1504 32.99 -37.34 4.17
CA ARG A 1504 31.92 -37.71 3.25
C ARG A 1504 31.50 -39.18 3.37
N GLU A 1505 32.31 -40.03 4.01
CA GLU A 1505 31.98 -41.45 4.05
C GLU A 1505 31.63 -41.98 5.44
N THR A 1506 32.06 -41.33 6.52
CA THR A 1506 31.67 -41.74 7.86
C THR A 1506 30.62 -40.85 8.48
N VAL A 1507 30.09 -39.88 7.75
CA VAL A 1507 29.00 -39.03 8.21
C VAL A 1507 27.88 -39.17 7.20
N GLN A 1508 26.66 -39.40 7.69
CA GLN A 1508 25.50 -39.53 6.83
C GLN A 1508 25.26 -38.22 6.08
N PRO A 1509 24.94 -38.28 4.78
CA PRO A 1509 24.92 -37.06 3.94
C PRO A 1509 23.88 -36.04 4.34
N GLU A 1510 22.71 -36.45 4.84
CA GLU A 1510 21.68 -35.48 5.19
C GLU A 1510 21.92 -34.85 6.55
N ARG A 1511 22.98 -35.25 7.25
CA ARG A 1511 23.28 -34.68 8.56
C ARG A 1511 24.16 -33.43 8.44
N ASN A 1512 25.09 -33.42 7.49
CA ASN A 1512 25.99 -32.28 7.28
C ASN A 1512 25.61 -31.54 6.00
N VAL A 1513 26.42 -30.52 5.67
CA VAL A 1513 26.21 -29.70 4.49
C VAL A 1513 27.52 -29.57 3.72
N THR A 1514 27.38 -29.28 2.42
CA THR A 1514 28.50 -28.92 1.56
C THR A 1514 28.26 -27.53 1.03
N THR A 1515 29.23 -26.63 1.20
CA THR A 1515 29.02 -25.24 0.82
C THR A 1515 30.18 -24.76 -0.02
N GLU A 1516 29.89 -23.81 -0.92
CA GLU A 1516 30.94 -23.05 -1.57
C GLU A 1516 31.62 -22.15 -0.55
N VAL A 1517 32.94 -22.22 -0.49
CA VAL A 1517 33.72 -21.52 0.51
C VAL A 1517 34.65 -20.54 -0.18
N MET A 1518 34.72 -19.32 0.34
CA MET A 1518 35.76 -18.38 -0.06
C MET A 1518 37.09 -18.86 0.48
N ASP A 1519 38.17 -18.35 -0.11
CA ASP A 1519 39.49 -18.62 0.45
C ASP A 1519 39.84 -17.52 1.46
N LYS A 1520 40.92 -17.73 2.18
CA LYS A 1520 41.48 -16.68 3.03
C LYS A 1520 42.06 -15.58 2.15
N GLY A 1521 41.69 -14.33 2.45
CA GLY A 1521 42.19 -13.20 1.70
C GLY A 1521 41.19 -12.54 0.78
N ASN A 1522 39.91 -12.83 0.92
CA ASN A 1522 38.88 -12.22 0.08
C ASN A 1522 38.35 -10.95 0.73
N VAL A 1523 38.07 -9.95 -0.11
CA VAL A 1523 37.70 -8.62 0.34
C VAL A 1523 36.25 -8.35 -0.03
N PHE A 1524 35.44 -8.04 0.97
CA PHE A 1524 34.06 -7.62 0.79
C PHE A 1524 33.92 -6.19 1.28
N SER A 1525 33.02 -5.44 0.66
CA SER A 1525 32.78 -4.05 1.06
C SER A 1525 31.30 -3.85 1.36
N PHE A 1526 31.01 -3.48 2.60
CA PHE A 1526 29.66 -3.13 3.01
C PHE A 1526 29.66 -1.74 3.61
N ASP A 1527 28.56 -1.03 3.41
CA ASP A 1527 28.36 0.29 3.98
C ASP A 1527 27.55 0.16 5.26
N VAL A 1528 27.99 0.85 6.31
CA VAL A 1528 27.24 0.96 7.55
C VAL A 1528 26.67 2.36 7.60
N ARG A 1529 25.40 2.50 7.25
CA ARG A 1529 24.73 3.79 7.35
C ARG A 1529 24.19 3.94 8.76
N PHE A 1530 24.39 5.12 9.34
CA PHE A 1530 23.95 5.39 10.70
C PHE A 1530 23.28 6.75 10.74
N GLU A 1531 22.34 6.90 11.67
CA GLU A 1531 21.54 8.10 11.81
C GLU A 1531 21.40 8.44 13.28
N ASN A 1532 21.60 9.71 13.63
CA ASN A 1532 21.38 10.25 14.98
C ASN A 1532 22.20 9.52 16.04
N LEU A 1533 23.46 9.23 15.73
CA LEU A 1533 24.31 8.51 16.64
C LEU A 1533 25.04 9.49 17.57
N ARG A 1534 25.35 9.01 18.76
CA ARG A 1534 26.13 9.83 19.69
C ARG A 1534 27.57 9.95 19.23
N GLU A 1535 28.26 10.86 19.90
CA GLU A 1535 29.70 11.01 19.74
C GLU A 1535 30.43 9.75 20.19
N TRP A 1536 29.91 9.09 21.24
CA TRP A 1536 30.49 7.86 21.77
C TRP A 1536 29.93 6.63 21.06
N GLU A 1537 28.71 6.72 20.53
CA GLU A 1537 28.06 5.57 19.91
C GLU A 1537 28.69 5.22 18.58
N LEU A 1538 29.01 6.23 17.77
CA LEU A 1538 29.70 5.98 16.51
C LEU A 1538 31.08 5.39 16.75
N GLY A 1539 31.80 5.92 17.75
CA GLY A 1539 33.11 5.39 18.07
C GLY A 1539 33.07 3.98 18.61
N LEU A 1540 32.04 3.62 19.35
CA LEU A 1540 31.87 2.23 19.77
C LEU A 1540 31.45 1.34 18.60
N LEU A 1541 30.66 1.89 17.67
CA LEU A 1541 30.33 1.15 16.45
C LEU A 1541 31.55 1.02 15.54
N LEU A 1542 32.38 2.06 15.47
CA LEU A 1542 33.64 1.95 14.74
C LEU A 1542 34.59 0.99 15.43
N GLN A 1543 34.58 0.97 16.77
CA GLN A 1543 35.35 -0.02 17.49
C GLN A 1543 34.75 -1.41 17.35
N SER A 1544 33.42 -1.52 17.22
CA SER A 1544 32.83 -2.83 16.99
C SER A 1544 33.15 -3.34 15.60
N LEU A 1545 33.35 -2.46 14.62
CA LEU A 1545 33.72 -2.91 13.28
C LEU A 1545 35.18 -3.36 13.25
N ASP A 1546 36.10 -2.49 13.67
CA ASP A 1546 37.53 -2.79 13.70
C ASP A 1546 38.00 -2.71 15.15
N PRO A 1547 38.02 -3.82 15.88
CA PRO A 1547 38.40 -3.77 17.31
C PRO A 1547 39.90 -3.71 17.55
N GLY A 1548 40.72 -4.18 16.63
CA GLY A 1548 42.15 -4.16 16.86
C GLY A 1548 42.89 -4.76 15.69
N LYS A 1549 44.21 -4.81 15.83
CA LYS A 1549 45.05 -5.39 14.77
C LYS A 1549 44.90 -6.90 14.73
N ASN A 1550 44.89 -7.56 15.88
CA ASN A 1550 44.79 -9.01 15.97
C ASN A 1550 43.40 -9.48 16.36
N ILE A 1551 42.41 -8.59 16.32
CA ILE A 1551 41.04 -8.91 16.69
C ILE A 1551 40.19 -8.92 15.43
N ALA A 1552 39.36 -9.95 15.29
CA ALA A 1552 38.50 -10.08 14.12
C ALA A 1552 37.12 -10.51 14.59
N HIS A 1553 36.29 -10.92 13.64
CA HIS A 1553 34.92 -11.31 13.90
C HIS A 1553 34.65 -12.68 13.31
N LYS A 1554 33.68 -13.38 13.87
CA LYS A 1554 33.26 -14.68 13.37
C LYS A 1554 31.95 -14.51 12.62
N LEU A 1555 31.96 -14.88 11.33
CA LEU A 1555 30.83 -14.67 10.44
C LEU A 1555 30.47 -15.96 9.72
N GLY A 1556 29.18 -16.23 9.60
CA GLY A 1556 28.73 -17.31 8.77
C GLY A 1556 28.89 -18.68 9.38
N LYS A 1557 28.72 -19.69 8.53
CA LYS A 1557 28.69 -21.07 8.99
C LYS A 1557 30.09 -21.56 9.37
N GLY A 1558 30.12 -22.48 10.33
CA GLY A 1558 31.38 -23.08 10.74
C GLY A 1558 32.20 -22.23 11.69
N LYS A 1559 31.58 -21.35 12.47
CA LYS A 1559 32.29 -20.63 13.52
C LYS A 1559 32.95 -21.55 14.57
N PRO A 1560 32.32 -22.62 15.09
CA PRO A 1560 33.11 -23.53 15.94
C PRO A 1560 34.13 -24.35 15.18
N TYR A 1561 34.02 -24.43 13.86
CA TYR A 1561 34.94 -25.18 13.04
C TYR A 1561 36.07 -24.32 12.47
N GLY A 1562 36.17 -23.07 12.91
CA GLY A 1562 37.23 -22.19 12.48
C GLY A 1562 36.92 -21.37 11.25
N PHE A 1563 35.78 -21.59 10.60
CA PHE A 1563 35.44 -20.83 9.41
C PHE A 1563 34.99 -19.41 9.78
N GLY A 1564 35.18 -18.51 8.84
CA GLY A 1564 34.55 -17.20 8.91
C GLY A 1564 35.20 -16.19 9.82
N SER A 1565 36.51 -16.26 10.03
CA SER A 1565 37.22 -15.16 10.66
C SER A 1565 37.30 -14.01 9.67
N VAL A 1566 36.57 -12.93 9.94
CA VAL A 1566 36.50 -11.81 9.02
C VAL A 1566 37.10 -10.59 9.71
N LYS A 1567 37.93 -9.87 8.97
CA LYS A 1567 38.58 -8.67 9.47
C LYS A 1567 37.94 -7.47 8.78
N ILE A 1568 37.14 -6.72 9.52
CA ILE A 1568 36.50 -5.52 8.99
C ILE A 1568 37.45 -4.35 9.17
N LYS A 1569 37.80 -3.70 8.07
CA LYS A 1569 38.67 -2.53 8.10
C LYS A 1569 37.91 -1.36 7.51
N ILE A 1570 37.86 -0.26 8.25
CA ILE A 1570 37.15 0.94 7.82
C ILE A 1570 37.96 1.65 6.75
N ASP A 1571 37.32 1.90 5.60
CA ASP A 1571 37.95 2.67 4.53
C ASP A 1571 37.71 4.17 4.67
N SER A 1572 36.43 4.56 4.76
CA SER A 1572 36.09 5.97 4.85
C SER A 1572 34.86 6.13 5.72
N LEU A 1573 34.95 6.98 6.73
CA LEU A 1573 33.80 7.39 7.52
C LEU A 1573 33.33 8.73 6.97
N HIS A 1574 32.14 8.73 6.38
CA HIS A 1574 31.53 9.94 5.85
C HIS A 1574 30.34 10.30 6.71
N THR A 1575 30.30 11.55 7.19
CA THR A 1575 29.17 12.05 7.95
C THR A 1575 28.59 13.28 7.27
N PHE A 1576 27.28 13.43 7.35
CA PHE A 1576 26.60 14.61 6.85
C PHE A 1576 25.94 15.37 7.99
N LYS A 1577 25.42 16.55 7.67
CA LYS A 1577 24.69 17.36 8.63
C LYS A 1577 23.60 18.16 7.94
N ILE A 1585 27.83 16.76 3.20
CA ILE A 1585 28.57 15.51 3.34
C ILE A 1585 30.06 15.80 3.43
N LYS A 1586 30.74 15.16 4.37
CA LYS A 1586 32.17 15.37 4.57
C LYS A 1586 32.84 14.06 4.97
N ARG A 1587 34.14 13.99 4.70
CA ARG A 1587 34.95 12.83 5.06
C ARG A 1587 35.59 13.08 6.42
N VAL A 1588 35.35 12.16 7.36
CA VAL A 1588 35.89 12.31 8.71
C VAL A 1588 37.35 11.87 8.71
N PRO A 1589 38.28 12.71 9.18
CA PRO A 1589 39.69 12.32 9.17
C PRO A 1589 40.01 11.30 10.26
N GLN A 1590 41.26 10.83 10.22
CA GLN A 1590 41.72 9.81 11.16
C GLN A 1590 41.78 10.33 12.59
N SER A 1591 42.06 11.63 12.77
CA SER A 1591 42.12 12.21 14.10
C SER A 1591 40.76 12.22 14.77
N ASP A 1592 39.71 12.55 14.03
CA ASP A 1592 38.37 12.57 14.58
C ASP A 1592 37.78 11.17 14.72
N ILE A 1593 38.20 10.23 13.87
CA ILE A 1593 37.75 8.84 13.99
C ILE A 1593 38.28 8.22 15.27
N ARG A 1594 39.56 8.43 15.59
CA ARG A 1594 40.11 7.97 16.85
C ARG A 1594 39.48 8.72 18.03
N GLU A 1595 39.14 10.00 17.82
CA GLU A 1595 38.54 10.79 18.90
C GLU A 1595 37.10 10.35 19.16
N TYR A 1596 36.42 9.79 18.15
CA TYR A 1596 35.14 9.12 18.38
C TYR A 1596 35.32 7.88 19.24
N ILE A 1597 36.37 7.11 18.98
CA ILE A 1597 36.59 5.84 19.68
C ILE A 1597 36.98 6.09 21.13
N ASN A 1598 37.67 7.20 21.41
CA ASN A 1598 38.07 7.52 22.78
C ASN A 1598 36.87 7.79 23.67
N LYS A 1599 35.88 8.55 23.20
CA LYS A 1599 34.73 8.84 24.04
C LYS A 1599 33.79 7.65 24.18
N GLY A 1600 33.87 6.69 23.26
CA GLY A 1600 33.21 5.41 23.49
C GLY A 1600 33.87 4.59 24.57
N TYR A 1601 35.17 4.80 24.80
CA TYR A 1601 35.89 4.08 25.84
C TYR A 1601 35.49 4.54 27.23
N GLN A 1602 35.43 5.86 27.49
CA GLN A 1602 35.05 6.30 28.83
C GLN A 1602 33.55 6.17 29.08
N LYS A 1603 32.74 5.97 28.04
CA LYS A 1603 31.35 5.59 28.25
C LYS A 1603 31.26 4.21 28.89
N LEU A 1604 32.12 3.28 28.47
CA LEU A 1604 32.18 1.97 29.11
C LEU A 1604 32.85 2.04 30.46
N ILE A 1605 33.79 2.97 30.64
CA ILE A 1605 34.41 3.18 31.95
C ILE A 1605 33.39 3.70 32.95
N GLU A 1606 32.56 4.66 32.52
CA GLU A 1606 31.53 5.21 33.40
C GLU A 1606 30.40 4.22 33.67
N TRP A 1607 30.20 3.23 32.79
CA TRP A 1607 29.25 2.16 33.07
C TRP A 1607 29.81 1.16 34.06
N SER A 1608 31.11 0.84 33.95
CA SER A 1608 31.74 -0.07 34.89
C SER A 1608 31.96 0.60 36.24
N GLY A 1609 32.42 1.85 36.23
CA GLY A 1609 32.69 2.58 37.46
C GLY A 1609 33.99 2.19 38.11
N LEU A 1619 45.07 6.61 22.66
CA LEU A 1619 45.28 5.16 22.61
C LEU A 1619 44.44 4.45 23.66
N PRO A 1620 43.24 3.99 23.27
CA PRO A 1620 42.37 3.28 24.22
C PRO A 1620 42.89 1.88 24.49
N GLN A 1621 43.10 1.55 25.76
CA GLN A 1621 43.62 0.26 26.18
C GLN A 1621 42.43 -0.56 26.68
N TRP A 1622 41.86 -1.37 25.80
CA TRP A 1622 40.59 -2.03 26.07
C TRP A 1622 40.71 -3.23 27.01
N HIS A 1623 41.92 -3.70 27.31
CA HIS A 1623 42.07 -4.89 28.12
C HIS A 1623 41.96 -4.63 29.61
N VAL A 1624 41.86 -3.36 30.03
CA VAL A 1624 41.72 -3.07 31.46
C VAL A 1624 40.29 -3.22 31.94
N ILE A 1625 39.33 -3.25 31.01
CA ILE A 1625 37.93 -3.54 31.34
C ILE A 1625 37.79 -5.06 31.31
N PRO A 1626 37.31 -5.68 32.42
CA PRO A 1626 37.35 -7.15 32.51
C PRO A 1626 36.48 -7.88 31.49
N HIS A 1627 35.35 -7.33 31.07
CA HIS A 1627 34.52 -8.00 30.10
C HIS A 1627 34.95 -7.75 28.66
N ILE A 1628 35.67 -6.65 28.40
CA ILE A 1628 36.19 -6.40 27.06
C ILE A 1628 37.48 -7.17 26.83
N ASP A 1629 38.29 -7.34 27.89
CA ASP A 1629 39.48 -8.17 27.79
C ASP A 1629 39.14 -9.62 27.48
N LYS A 1630 38.10 -10.14 28.14
CA LYS A 1630 37.66 -11.51 27.85
C LYS A 1630 37.00 -11.61 26.49
N LEU A 1631 36.30 -10.56 26.05
CA LEU A 1631 35.68 -10.57 24.73
C LEU A 1631 36.72 -10.45 23.63
N TYR A 1632 37.76 -9.64 23.84
CA TYR A 1632 38.75 -9.46 22.78
C TYR A 1632 39.69 -10.65 22.67
N LYS A 1633 39.98 -11.33 23.77
CA LYS A 1633 40.72 -12.59 23.64
C LYS A 1633 39.84 -13.70 23.10
N LEU A 1634 38.52 -13.59 23.27
CA LEU A 1634 37.60 -14.50 22.57
C LEU A 1634 37.65 -14.27 21.07
N LEU A 1635 37.86 -13.03 20.65
CA LEU A 1635 37.95 -12.67 19.24
C LEU A 1635 39.38 -12.39 18.81
N TRP A 1636 40.36 -12.84 19.59
CA TRP A 1636 41.76 -12.68 19.21
C TRP A 1636 42.15 -13.73 18.19
N VAL A 1637 42.93 -13.32 17.19
CA VAL A 1637 43.37 -14.20 16.12
C VAL A 1637 44.83 -14.55 16.39
N PRO A 1638 45.13 -15.79 16.82
CA PRO A 1638 46.53 -16.13 17.13
C PRO A 1638 47.40 -16.34 15.92
N PHE A 1639 46.81 -16.57 14.74
CA PHE A 1639 47.57 -16.83 13.53
C PHE A 1639 47.69 -15.61 12.63
N LEU A 1640 47.30 -14.44 13.13
CA LEU A 1640 47.30 -13.23 12.32
C LEU A 1640 48.71 -12.65 12.20
N ASN A 1641 48.97 -12.01 11.07
CA ASN A 1641 50.23 -11.32 10.71
C ASN A 1641 51.36 -12.34 10.75
N ASP A 1642 52.52 -12.03 11.32
CA ASP A 1642 53.65 -12.95 11.40
C ASP A 1642 53.60 -13.63 12.76
N SER A 1643 52.88 -14.75 12.83
CA SER A 1643 52.76 -15.50 14.07
C SER A 1643 52.74 -16.98 13.75
N LYS A 1644 53.49 -17.76 14.53
CA LYS A 1644 53.58 -19.20 14.34
C LYS A 1644 52.56 -19.96 15.17
N LEU A 1645 51.68 -19.26 15.90
CA LEU A 1645 50.70 -19.92 16.74
C LEU A 1645 49.57 -20.47 15.87
N GLU A 1646 49.26 -21.75 16.05
CA GLU A 1646 48.12 -22.41 15.35
C GLU A 1646 47.34 -23.19 16.39
N PRO A 1647 46.63 -22.55 17.34
CA PRO A 1647 45.94 -23.26 18.40
C PRO A 1647 44.93 -24.27 17.85
N ASP A 1648 44.89 -25.44 18.48
CA ASP A 1648 43.97 -26.53 18.06
C ASP A 1648 42.65 -26.29 18.79
N VAL A 1649 41.58 -26.04 18.05
CA VAL A 1649 40.28 -25.79 18.72
C VAL A 1649 39.28 -26.77 18.12
N ARG A 1650 38.69 -27.63 18.94
CA ARG A 1650 37.67 -28.57 18.43
C ARG A 1650 36.82 -29.04 19.59
N TYR A 1651 35.64 -29.55 19.29
CA TYR A 1651 34.79 -30.08 20.38
C TYR A 1651 35.26 -31.50 20.65
N PRO A 1652 35.09 -31.96 21.90
CA PRO A 1652 35.31 -33.36 22.28
C PRO A 1652 34.34 -34.28 21.56
N VAL A 1653 34.76 -35.52 21.39
CA VAL A 1653 33.86 -36.60 20.98
C VAL A 1653 33.16 -37.12 22.22
N LEU A 1654 32.16 -37.98 22.04
CA LEU A 1654 31.45 -38.52 23.21
C LEU A 1654 32.32 -39.48 24.00
N ASN A 1655 32.74 -40.57 23.38
CA ASN A 1655 33.45 -41.65 24.07
C ASN A 1655 34.75 -41.94 23.34
N GLU A 1656 35.48 -42.94 23.84
CA GLU A 1656 36.70 -43.36 23.16
C GLU A 1656 36.41 -44.13 21.88
N GLU A 1657 35.21 -44.70 21.76
CA GLU A 1657 34.83 -45.44 20.56
C GLU A 1657 34.25 -44.57 19.47
N SER A 1658 34.00 -43.30 19.74
CA SER A 1658 33.47 -42.38 18.74
C SER A 1658 34.57 -41.96 17.77
N LYS A 1659 34.18 -41.75 16.52
CA LYS A 1659 35.13 -41.46 15.47
C LYS A 1659 35.56 -39.99 15.54
N GLY A 1660 36.80 -39.72 15.16
CA GLY A 1660 37.42 -38.42 15.35
C GLY A 1660 37.99 -38.25 16.74
N TYR A 1661 38.45 -39.34 17.34
CA TYR A 1661 39.03 -39.34 18.67
C TYR A 1661 40.51 -39.69 18.57
N ILE A 1662 41.35 -38.81 19.10
CA ILE A 1662 42.79 -39.09 19.14
C ILE A 1662 43.08 -40.03 20.30
N GLU A 1663 43.72 -41.15 19.99
CA GLU A 1663 43.97 -42.18 20.99
C GLU A 1663 45.03 -41.73 21.99
N GLY A 1664 44.73 -41.88 23.28
CA GLY A 1664 45.63 -41.47 24.34
C GLY A 1664 45.24 -40.19 25.03
N SER A 1665 44.29 -39.44 24.48
CA SER A 1665 43.83 -38.20 25.08
C SER A 1665 42.52 -38.43 25.83
N ASP A 1666 42.32 -37.64 26.89
CA ASP A 1666 41.08 -37.69 27.66
C ASP A 1666 40.05 -36.69 27.16
N TYR A 1667 40.15 -36.27 25.90
CA TYR A 1667 39.24 -35.27 25.34
C TYR A 1667 37.95 -35.92 24.88
N THR A 1668 37.15 -36.31 25.86
CA THR A 1668 35.87 -36.94 25.62
C THR A 1668 34.82 -36.35 26.56
N TYR A 1669 33.56 -36.38 26.12
CA TYR A 1669 32.48 -35.89 26.95
C TYR A 1669 32.09 -36.86 28.06
N LYS A 1670 32.54 -38.11 27.99
CA LYS A 1670 32.31 -39.04 29.08
C LYS A 1670 33.11 -38.65 30.32
N LYS A 1671 34.36 -38.21 30.13
CA LYS A 1671 35.20 -37.79 31.24
C LYS A 1671 35.02 -36.32 31.60
N LEU A 1672 34.85 -35.45 30.60
CA LEU A 1672 34.61 -34.04 30.89
C LEU A 1672 33.22 -33.82 31.48
N GLY A 1673 32.24 -34.60 31.05
CA GLY A 1673 30.90 -34.51 31.61
C GLY A 1673 30.74 -35.22 32.94
N ASP A 1674 31.69 -36.08 33.31
CA ASP A 1674 31.63 -36.75 34.60
C ASP A 1674 31.95 -35.77 35.72
N LYS A 1675 31.11 -35.76 36.75
CA LYS A 1675 31.28 -34.85 37.87
C LYS A 1675 32.51 -35.20 38.71
N ASP A 1676 32.85 -36.49 38.78
CA ASP A 1676 33.99 -36.93 39.60
C ASP A 1676 35.31 -36.48 39.00
N ASN A 1677 35.44 -36.54 37.67
CA ASN A 1677 36.69 -36.11 37.04
C ASN A 1677 36.71 -34.59 36.94
N LEU A 1678 35.74 -34.01 36.23
CA LEU A 1678 35.62 -32.57 36.09
C LEU A 1678 34.41 -32.10 36.88
N PRO A 1679 34.59 -31.43 38.02
CA PRO A 1679 33.44 -30.97 38.80
C PRO A 1679 32.66 -29.88 38.08
N TYR A 1680 31.39 -29.74 38.49
CA TYR A 1680 30.44 -28.90 37.77
C TYR A 1680 30.81 -27.42 37.83
N LYS A 1681 31.35 -26.97 38.97
CA LYS A 1681 31.80 -25.58 39.08
C LYS A 1681 33.02 -25.32 38.22
N THR A 1682 33.91 -26.30 38.11
CA THR A 1682 35.12 -26.14 37.33
C THR A 1682 34.83 -26.11 35.84
N ARG A 1683 33.80 -26.82 35.40
CA ARG A 1683 33.44 -26.84 33.98
C ARG A 1683 32.87 -25.49 33.52
N VAL A 1684 32.10 -24.81 34.37
CA VAL A 1684 31.58 -23.50 34.01
C VAL A 1684 32.69 -22.46 33.96
N LYS A 1685 33.60 -22.47 34.94
CA LYS A 1685 34.72 -21.55 34.86
C LYS A 1685 35.74 -21.99 33.81
N GLY A 1686 35.70 -23.26 33.39
CA GLY A 1686 36.44 -23.65 32.20
C GLY A 1686 35.76 -23.21 30.93
N LEU A 1687 34.47 -22.94 30.98
CA LEU A 1687 33.71 -22.45 29.84
C LEU A 1687 33.62 -20.93 29.78
N THR A 1688 33.60 -20.26 30.93
CA THR A 1688 33.50 -18.81 30.95
C THR A 1688 34.86 -18.13 30.89
N THR A 1689 35.96 -18.88 30.96
CA THR A 1689 37.28 -18.30 30.78
C THR A 1689 37.76 -18.62 29.37
N PRO A 1690 37.87 -17.63 28.48
CA PRO A 1690 38.28 -17.91 27.10
C PRO A 1690 39.70 -18.44 26.99
N TRP A 1691 39.88 -19.33 26.01
CA TRP A 1691 41.12 -20.05 25.71
C TRP A 1691 41.63 -20.85 26.90
N SER A 1692 40.72 -21.36 27.71
CA SER A 1692 41.12 -22.29 28.76
C SER A 1692 41.49 -23.63 28.13
N PRO A 1693 42.51 -24.31 28.63
CA PRO A 1693 42.84 -25.63 28.10
C PRO A 1693 41.80 -26.65 28.51
N TRP A 1694 41.28 -27.37 27.51
CA TRP A 1694 40.36 -28.47 27.77
C TRP A 1694 40.99 -29.83 27.58
N ASN A 1695 42.20 -29.89 27.04
CA ASN A 1695 42.95 -31.14 26.95
C ASN A 1695 44.45 -30.84 26.96
ZN ZN D . 2.50 20.61 10.08
ZN ZN E . -20.62 29.09 -9.49
ZN ZN F . 18.14 -4.66 24.87
MG MG G . -54.23 24.35 -15.05
ZN ZN H . -49.47 31.31 -24.92
#